data_3D43
#
_entry.id   3D43
#
_cell.length_a   46.088
_cell.length_b   62.668
_cell.length_c   84.874
_cell.angle_alpha   90.00
_cell.angle_beta   95.47
_cell.angle_gamma   90.00
#
_symmetry.space_group_name_H-M   'P 1 21 1'
#
loop_
_entity.id
_entity.type
_entity.pdbx_description
1 polymer Sphericase
2 non-polymer 'CALCIUM ION'
3 water water
#
_entity_poly.entity_id   1
_entity_poly.type   'polypeptide(L)'
_entity_poly.pdbx_seq_one_letter_code
;RASQQIPWGIKAIYNNDTLTSTTGGSGINIAVLDTGVNTSHPDLVNNVEQCKDFTGATTPINNSCTDRNGHGTHVAGTAL
ADGGSDQAGIYGVAPDADLWAYKVLLDSGSGYSDDIAAAIRHAADQATATGTKTIISMSLGSSANNSLISSAVNYAYSKG
VLIVAAAGNSGYSQGTIGYPGALPNAIAVAALENVQQNGTYRVADYSSRGYISTAGDYVIQEGDIEISAPGSSVYSTWYN
GGYNTISGTSMATPHVSGLAAKIWAENPSLSNTQLRSNLQERAKSVDIKGGYGAAIGDDYASGFGFARVQ
;
_entity_poly.pdbx_strand_id   A,B
#
loop_
_chem_comp.id
_chem_comp.type
_chem_comp.name
_chem_comp.formula
CA non-polymer 'CALCIUM ION' 'Ca 2'
#
# COMPACT_ATOMS: atom_id res chain seq x y z
N ARG A 1 17.42 12.97 21.37
CA ARG A 1 17.96 13.91 20.35
C ARG A 1 16.92 14.49 19.39
N ALA A 2 15.76 13.82 19.18
N ALA A 2 16.10 13.57 18.87
CA ALA A 2 14.71 14.30 18.30
CA ALA A 2 15.22 14.11 17.83
C ALA A 2 13.51 14.86 19.06
C ALA A 2 14.16 14.70 18.73
N SER A 3 13.04 16.03 18.72
N SER A 3 13.87 15.98 18.61
CA SER A 3 11.88 16.62 19.37
CA SER A 3 12.87 16.56 19.49
C SER A 3 10.59 15.92 18.95
C SER A 3 11.53 15.85 19.29
N GLN A 4 10.48 15.51 17.69
N GLN A 4 11.33 15.36 18.08
CA GLN A 4 9.43 14.70 17.14
CA GLN A 4 10.10 14.75 17.60
C GLN A 4 10.06 13.61 16.28
C GLN A 4 10.47 13.61 16.66
N GLN A 5 9.98 12.37 16.73
CA GLN A 5 10.48 11.29 15.88
C GLN A 5 9.63 11.12 14.63
N ILE A 6 8.35 11.47 14.69
CA ILE A 6 7.39 11.34 13.58
C ILE A 6 6.79 12.69 13.32
N PRO A 7 7.36 13.48 12.45
CA PRO A 7 6.83 14.83 12.18
C PRO A 7 5.43 14.79 11.59
N TRP A 8 4.78 15.95 11.60
CA TRP A 8 3.39 16.03 11.19
C TRP A 8 3.22 15.51 9.76
N GLY A 9 4.17 15.79 8.88
CA GLY A 9 3.96 15.44 7.48
C GLY A 9 4.03 13.95 7.26
N ILE A 10 4.85 13.27 8.10
CA ILE A 10 4.94 11.81 8.03
C ILE A 10 3.63 11.22 8.50
N LYS A 11 3.08 11.72 9.62
CA LYS A 11 1.78 11.24 10.07
C LYS A 11 0.72 11.49 9.00
N ALA A 12 0.77 12.63 8.35
CA ALA A 12 -0.23 12.95 7.33
C ALA A 12 -0.14 12.02 6.15
N ILE A 13 1.07 11.74 5.64
CA ILE A 13 1.18 10.89 4.46
C ILE A 13 0.88 9.43 4.79
N TYR A 14 1.14 9.02 6.03
CA TYR A 14 0.77 7.70 6.48
C TYR A 14 -0.69 7.64 6.93
N ASN A 15 -1.39 8.74 7.02
CA ASN A 15 -2.75 8.85 7.50
C ASN A 15 -2.89 8.12 8.83
N ASN A 16 -1.98 8.43 9.76
CA ASN A 16 -2.03 7.84 11.07
C ASN A 16 -1.46 8.80 12.10
N ASP A 17 -2.33 9.39 12.90
CA ASP A 17 -1.95 10.40 13.91
C ASP A 17 -1.12 9.80 15.03
N THR A 18 -1.15 8.48 15.13
CA THR A 18 -0.40 7.85 16.24
C THR A 18 0.71 6.93 15.72
N LEU A 19 1.14 7.09 14.50
CA LEU A 19 2.22 6.33 13.93
C LEU A 19 3.45 6.36 14.81
N THR A 20 4.13 5.28 15.06
CA THR A 20 5.31 5.27 15.91
C THR A 20 6.61 5.06 15.15
N SER A 21 6.49 4.52 13.96
CA SER A 21 7.67 4.33 13.13
C SER A 21 7.16 4.15 11.72
N THR A 22 8.04 4.34 10.73
CA THR A 22 7.71 4.11 9.35
C THR A 22 8.35 2.82 8.86
N THR A 23 8.07 2.39 7.63
CA THR A 23 8.61 1.17 7.08
C THR A 23 8.59 1.26 5.58
N GLY A 24 9.45 0.48 4.94
CA GLY A 24 9.38 0.29 3.52
C GLY A 24 10.47 0.95 2.75
N GLY A 25 10.53 0.56 1.46
CA GLY A 25 11.47 1.07 0.51
C GLY A 25 12.64 0.20 0.15
N SER A 26 12.72 -1.02 0.70
CA SER A 26 13.90 -1.83 0.52
C SER A 26 14.22 -2.04 -0.98
N GLY A 27 15.49 -1.87 -1.31
CA GLY A 27 16.00 -2.10 -2.66
C GLY A 27 15.80 -0.94 -3.60
N ILE A 28 15.05 0.08 -3.23
CA ILE A 28 14.85 1.24 -4.10
C ILE A 28 15.89 2.29 -3.73
N ASN A 29 16.51 2.87 -4.77
CA ASN A 29 17.43 3.97 -4.54
C ASN A 29 16.74 5.28 -4.73
N ILE A 30 16.93 6.18 -3.79
CA ILE A 30 16.47 7.58 -3.95
C ILE A 30 17.71 8.43 -4.13
N ALA A 31 17.86 8.97 -5.35
CA ALA A 31 18.98 9.86 -5.68
C ALA A 31 18.49 11.27 -5.35
N VAL A 32 19.02 11.80 -4.26
CA VAL A 32 18.70 13.14 -3.79
C VAL A 32 19.73 14.08 -4.39
N LEU A 33 19.31 14.85 -5.40
CA LEU A 33 20.19 15.77 -6.14
C LEU A 33 20.05 17.12 -5.47
N ASP A 34 21.05 17.53 -4.66
CA ASP A 34 20.81 18.63 -3.73
C ASP A 34 22.11 19.23 -3.30
N THR A 35 22.21 19.79 -2.11
CA THR A 35 23.42 20.40 -1.59
C THR A 35 24.39 19.42 -0.96
N GLY A 36 24.15 18.12 -1.11
CA GLY A 36 24.93 17.11 -0.44
C GLY A 36 24.16 16.53 0.72
N VAL A 37 24.72 15.68 1.52
N VAL A 37 24.90 15.65 1.47
CA VAL A 37 24.00 15.10 2.64
CA VAL A 37 24.43 15.08 2.73
C VAL A 37 25.07 14.83 3.69
C VAL A 37 25.43 15.06 3.87
N ASN A 38 24.74 15.05 4.96
N ASN A 38 25.04 15.03 5.14
CA ASN A 38 25.59 14.70 6.13
CA ASN A 38 25.83 14.47 6.22
C ASN A 38 25.70 13.18 6.27
C ASN A 38 25.30 12.99 6.18
N THR A 39 26.82 12.60 5.81
N THR A 39 26.07 12.27 5.39
CA THR A 39 26.99 11.18 5.68
CA THR A 39 26.09 10.87 5.27
C THR A 39 27.03 10.45 7.02
C THR A 39 26.36 10.15 6.61
N SER A 40 27.41 11.17 8.06
N SER A 40 26.91 10.82 7.59
CA SER A 40 27.49 10.44 9.34
CA SER A 40 27.23 10.18 8.86
C SER A 40 26.29 10.73 10.20
C SER A 40 26.19 10.49 9.94
N HIS A 41 25.22 11.32 9.68
CA HIS A 41 24.07 11.56 10.55
C HIS A 41 23.55 10.23 11.07
N PRO A 42 23.30 10.09 12.37
CA PRO A 42 22.79 8.84 12.91
CA PRO A 42 22.93 8.74 12.80
C PRO A 42 21.63 8.25 12.16
C PRO A 42 21.65 8.24 12.15
N ASP A 43 20.73 9.12 11.67
CA ASP A 43 19.50 8.65 11.10
C ASP A 43 19.55 8.43 9.59
N LEU A 44 20.72 8.67 8.99
CA LEU A 44 20.95 8.44 7.58
C LEU A 44 22.06 7.46 7.30
N VAL A 45 23.05 7.27 8.17
CA VAL A 45 24.18 6.47 7.93
C VAL A 45 23.87 5.06 7.49
N ASN A 46 22.76 4.45 7.97
CA ASN A 46 22.44 3.12 7.57
C ASN A 46 21.90 3.00 6.12
N ASN A 47 21.53 4.15 5.54
CA ASN A 47 21.01 4.12 4.18
C ASN A 47 21.92 4.75 3.14
N VAL A 48 22.91 5.52 3.48
N VAL A 48 23.03 5.34 3.53
CA VAL A 48 23.76 6.13 2.44
CA VAL A 48 23.91 5.98 2.53
C VAL A 48 24.64 5.12 1.72
C VAL A 48 24.49 4.85 1.72
N GLU A 49 24.37 4.99 0.40
CA GLU A 49 24.98 4.00 -0.47
CA GLU A 49 24.90 4.02 -0.52
C GLU A 49 25.83 4.63 -1.58
N GLN A 50 25.48 5.81 -2.08
CA GLN A 50 26.36 6.54 -2.99
C GLN A 50 26.49 7.96 -2.46
N CYS A 51 27.62 8.58 -2.77
CA CYS A 51 27.98 9.91 -2.32
C CYS A 51 28.88 10.53 -3.37
N LYS A 52 28.37 11.39 -4.23
CA LYS A 52 29.09 11.90 -5.37
C LYS A 52 28.82 13.41 -5.49
N ASP A 53 29.83 14.11 -6.03
CA ASP A 53 29.78 15.54 -6.20
C ASP A 53 29.87 15.87 -7.70
N PHE A 54 28.93 16.70 -8.14
CA PHE A 54 28.83 17.15 -9.50
C PHE A 54 29.14 18.65 -9.66
N THR A 55 29.61 19.29 -8.58
CA THR A 55 29.85 20.73 -8.57
C THR A 55 31.32 21.09 -8.72
N GLY A 56 32.20 20.11 -8.90
CA GLY A 56 33.62 20.40 -8.95
C GLY A 56 34.23 20.37 -10.32
N ALA A 57 35.59 20.41 -10.35
CA ALA A 57 36.36 20.68 -11.57
C ALA A 57 36.41 19.51 -12.52
N THR A 58 36.14 18.33 -12.05
CA THR A 58 35.91 17.14 -12.82
C THR A 58 34.62 16.51 -12.29
N THR A 59 34.05 15.60 -13.03
CA THR A 59 32.76 15.06 -12.66
C THR A 59 32.56 13.64 -13.15
N PRO A 60 31.86 12.81 -12.40
CA PRO A 60 31.52 13.04 -10.99
CA PRO A 60 31.56 12.95 -10.98
C PRO A 60 32.81 12.94 -10.18
C PRO A 60 32.84 12.92 -10.16
N ILE A 61 32.79 13.43 -8.96
CA ILE A 61 33.79 13.21 -7.95
C ILE A 61 33.22 12.22 -6.96
N ASN A 62 33.71 11.02 -6.92
CA ASN A 62 33.22 9.98 -6.06
C ASN A 62 33.62 10.17 -4.62
N ASN A 63 32.81 9.62 -3.74
CA ASN A 63 33.07 9.58 -2.31
C ASN A 63 33.23 10.99 -1.75
N SER A 64 32.39 11.89 -2.25
CA SER A 64 32.36 13.30 -1.81
C SER A 64 30.98 13.83 -2.04
N CYS A 65 30.33 14.38 -1.00
N CYS A 65 30.38 14.34 -0.98
CA CYS A 65 28.99 14.86 -1.12
CA CYS A 65 29.04 14.87 -1.11
C CYS A 65 28.65 15.75 0.09
C CYS A 65 28.73 15.59 0.20
N THR A 66 29.60 16.49 0.60
CA THR A 66 29.50 17.23 1.83
CA THR A 66 29.41 17.12 1.91
C THR A 66 28.42 18.27 1.84
N ASP A 67 27.44 18.18 2.74
CA ASP A 67 26.46 19.23 2.92
C ASP A 67 26.98 20.27 3.90
N ARG A 68 27.05 21.53 3.46
CA ARG A 68 27.41 22.65 4.29
C ARG A 68 26.26 23.62 4.45
N ASN A 69 25.07 23.25 3.95
CA ASN A 69 23.93 24.06 3.89
C ASN A 69 22.84 23.57 4.86
N GLY A 70 22.50 22.29 4.73
CA GLY A 70 21.43 21.66 5.48
C GLY A 70 20.32 21.20 4.60
N HIS A 71 20.03 21.94 3.49
CA HIS A 71 18.89 21.62 2.66
C HIS A 71 18.92 20.16 2.19
N GLY A 72 20.04 19.69 1.68
CA GLY A 72 20.11 18.32 1.15
C GLY A 72 19.96 17.27 2.24
N THR A 73 20.57 17.50 3.40
CA THR A 73 20.39 16.57 4.51
C THR A 73 18.95 16.51 4.95
N HIS A 74 18.29 17.65 4.99
CA HIS A 74 16.93 17.78 5.44
C HIS A 74 16.00 17.02 4.49
N VAL A 75 16.18 17.22 3.20
CA VAL A 75 15.40 16.53 2.18
C VAL A 75 15.58 15.04 2.27
N ALA A 76 16.82 14.60 2.40
CA ALA A 76 17.12 13.19 2.52
C ALA A 76 16.42 12.55 3.71
N GLY A 77 16.42 13.23 4.84
CA GLY A 77 15.79 12.70 6.03
C GLY A 77 14.28 12.55 5.90
N THR A 78 13.62 13.44 5.18
CA THR A 78 12.21 13.31 4.98
C THR A 78 11.89 12.09 4.13
N ALA A 79 12.77 11.82 3.11
CA ALA A 79 12.51 10.70 2.25
C ALA A 79 12.78 9.37 2.93
N LEU A 80 13.87 9.27 3.74
CA LEU A 80 14.35 7.95 4.11
C LEU A 80 15.13 7.88 5.42
N ALA A 81 15.02 8.87 6.34
CA ALA A 81 15.64 8.63 7.64
C ALA A 81 15.03 7.39 8.27
N ASP A 82 15.84 6.66 9.06
CA ASP A 82 15.43 5.34 9.53
C ASP A 82 15.34 5.24 11.05
N GLY A 83 15.41 6.36 11.77
CA GLY A 83 15.38 6.34 13.21
C GLY A 83 16.72 6.09 13.86
N GLY A 84 17.74 5.75 13.11
CA GLY A 84 19.04 5.45 13.62
C GLY A 84 19.14 4.05 14.14
N SER A 85 20.39 3.59 14.35
CA SER A 85 20.62 2.28 14.91
C SER A 85 20.24 2.14 16.36
N ASP A 86 19.85 3.21 17.02
CA ASP A 86 19.29 3.19 18.36
C ASP A 86 17.82 3.53 18.40
N GLN A 87 17.17 3.71 17.25
CA GLN A 87 15.78 3.99 17.14
C GLN A 87 15.37 5.26 17.88
N ALA A 88 16.31 6.15 18.12
CA ALA A 88 16.03 7.37 18.86
C ALA A 88 15.99 8.58 17.96
N GLY A 89 16.05 8.41 16.65
CA GLY A 89 16.04 9.51 15.71
C GLY A 89 14.72 9.71 15.03
N ILE A 90 14.90 10.33 13.86
N ILE A 90 14.58 10.50 13.95
CA ILE A 90 13.69 10.69 13.10
CA ILE A 90 13.39 10.67 13.17
C ILE A 90 13.40 9.66 12.01
C ILE A 90 13.33 9.60 12.09
N TYR A 91 12.13 9.47 11.61
CA TYR A 91 11.76 8.56 10.54
C TYR A 91 11.26 9.34 9.33
N GLY A 92 11.76 8.95 8.16
CA GLY A 92 11.23 9.39 6.88
C GLY A 92 10.27 8.41 6.29
N VAL A 93 9.80 8.72 5.06
CA VAL A 93 8.70 7.95 4.53
C VAL A 93 9.10 6.50 4.23
N ALA A 94 10.31 6.30 3.68
CA ALA A 94 10.77 5.03 3.17
C ALA A 94 12.09 4.69 3.84
N PRO A 95 12.05 4.30 5.12
CA PRO A 95 13.30 4.18 5.90
C PRO A 95 14.18 3.07 5.51
N ASP A 96 13.73 2.15 4.67
CA ASP A 96 14.55 1.05 4.21
C ASP A 96 15.16 1.34 2.82
N ALA A 97 14.86 2.47 2.22
CA ALA A 97 15.43 2.76 0.91
C ALA A 97 16.90 3.13 1.01
N ASP A 98 17.58 3.02 -0.14
N ASP A 98 17.63 3.05 -0.11
CA ASP A 98 18.96 3.45 -0.26
CA ASP A 98 19.07 3.36 -0.19
C ASP A 98 19.05 4.92 -0.70
C ASP A 98 19.28 4.76 -0.77
N LEU A 99 20.01 5.62 -0.11
CA LEU A 99 20.29 7.00 -0.48
C LEU A 99 21.47 7.11 -1.41
N TRP A 100 21.22 7.80 -2.55
CA TRP A 100 22.34 8.20 -3.43
C TRP A 100 22.41 9.72 -3.26
N ALA A 101 23.35 10.21 -2.53
CA ALA A 101 23.50 11.64 -2.24
C ALA A 101 24.34 12.28 -3.34
N TYR A 102 23.74 12.96 -4.27
CA TYR A 102 24.40 13.57 -5.41
C TYR A 102 24.37 15.07 -5.21
N LYS A 103 25.54 15.69 -4.98
CA LYS A 103 25.62 17.10 -4.75
C LYS A 103 25.68 17.81 -6.10
N VAL A 104 24.59 18.52 -6.39
CA VAL A 104 24.44 19.29 -7.61
C VAL A 104 24.27 20.78 -7.38
N LEU A 105 24.05 21.17 -6.15
CA LEU A 105 23.90 22.54 -5.71
C LEU A 105 25.13 22.92 -4.91
N LEU A 106 25.62 24.12 -5.16
CA LEU A 106 26.66 24.69 -4.29
C LEU A 106 26.12 24.87 -2.89
N ASP A 107 27.02 25.18 -1.97
CA ASP A 107 26.68 25.35 -0.57
C ASP A 107 25.70 26.47 -0.38
N SER A 108 25.65 27.46 -1.27
CA SER A 108 24.67 28.51 -1.25
C SER A 108 23.24 28.03 -1.47
N GLY A 109 23.02 26.86 -2.02
CA GLY A 109 21.71 26.37 -2.38
C GLY A 109 21.35 26.57 -3.83
N SER A 110 22.26 27.19 -4.60
CA SER A 110 22.04 27.37 -6.02
C SER A 110 23.01 26.48 -6.79
N GLY A 111 22.59 26.02 -7.97
N GLY A 111 22.72 26.13 -8.03
CA GLY A 111 23.34 25.10 -8.81
CA GLY A 111 23.79 25.51 -8.81
C GLY A 111 23.25 25.41 -10.29
C GLY A 111 23.62 25.86 -10.28
N TYR A 112 24.25 24.96 -11.02
CA TYR A 112 24.35 25.18 -12.45
C TYR A 112 23.65 24.06 -13.21
N SER A 113 22.99 24.42 -14.30
CA SER A 113 22.17 23.47 -15.02
C SER A 113 22.97 22.32 -15.60
N ASP A 114 24.17 22.55 -16.09
CA ASP A 114 24.97 21.46 -16.64
C ASP A 114 25.27 20.43 -15.55
N ASP A 115 25.56 20.85 -14.35
CA ASP A 115 25.86 19.93 -13.25
C ASP A 115 24.65 19.09 -12.87
N ILE A 116 23.50 19.76 -12.81
CA ILE A 116 22.24 19.06 -12.52
C ILE A 116 21.95 18.01 -13.60
N ALA A 117 22.10 18.40 -14.88
CA ALA A 117 21.86 17.48 -15.96
C ALA A 117 22.80 16.28 -15.91
N ALA A 118 24.08 16.54 -15.60
CA ALA A 118 25.05 15.47 -15.51
C ALA A 118 24.65 14.47 -14.43
N ALA A 119 24.19 14.96 -13.31
CA ALA A 119 23.81 14.08 -12.21
C ALA A 119 22.55 13.29 -12.52
N ILE A 120 21.59 13.87 -13.23
CA ILE A 120 20.37 13.16 -13.64
C ILE A 120 20.78 11.99 -14.52
N ARG A 121 21.64 12.26 -15.52
CA ARG A 121 22.09 11.20 -16.42
C ARG A 121 22.91 10.15 -15.67
N HIS A 122 23.73 10.60 -14.72
CA HIS A 122 24.51 9.68 -13.96
CA HIS A 122 24.58 9.63 -13.99
C HIS A 122 23.69 8.72 -13.14
N ALA A 123 22.68 9.28 -12.49
CA ALA A 123 21.75 8.46 -11.69
C ALA A 123 21.13 7.36 -12.57
N ALA A 124 20.69 7.78 -13.79
CA ALA A 124 20.16 6.79 -14.72
C ALA A 124 21.17 5.75 -15.13
N ASP A 125 22.40 6.16 -15.42
CA ASP A 125 23.42 5.23 -15.76
C ASP A 125 23.74 4.28 -14.61
N GLN A 126 23.66 4.76 -13.38
CA GLN A 126 23.89 3.89 -12.23
C GLN A 126 22.74 2.93 -12.00
N ALA A 127 21.48 3.38 -12.23
CA ALA A 127 20.37 2.47 -12.19
C ALA A 127 20.60 1.32 -13.18
N THR A 128 20.99 1.68 -14.41
CA THR A 128 21.21 0.68 -15.43
C THR A 128 22.38 -0.21 -15.09
N ALA A 129 23.49 0.32 -14.59
CA ALA A 129 24.66 -0.47 -14.28
C ALA A 129 24.39 -1.47 -13.18
N THR A 130 23.65 -1.03 -12.17
CA THR A 130 23.41 -1.86 -10.99
C THR A 130 22.22 -2.79 -11.17
N GLY A 131 21.35 -2.54 -12.16
CA GLY A 131 20.13 -3.28 -12.33
C GLY A 131 19.08 -2.99 -11.31
N THR A 132 19.20 -1.86 -10.58
N THR A 132 18.96 -1.78 -10.79
CA THR A 132 18.30 -1.55 -9.47
CA THR A 132 18.02 -1.51 -9.73
C THR A 132 17.40 -0.32 -9.72
C THR A 132 17.14 -0.34 -10.10
N LYS A 133 16.14 -0.32 -9.26
CA LYS A 133 15.13 0.71 -9.44
C LYS A 133 15.49 1.96 -8.67
N THR A 134 15.37 3.11 -9.39
CA THR A 134 15.90 4.38 -8.93
C THR A 134 14.89 5.48 -9.14
N ILE A 135 14.79 6.35 -8.12
CA ILE A 135 13.99 7.55 -8.14
C ILE A 135 14.91 8.74 -8.00
N ILE A 136 14.85 9.68 -8.94
CA ILE A 136 15.52 10.98 -8.81
C ILE A 136 14.61 11.93 -8.13
N SER A 137 15.10 12.57 -7.06
CA SER A 137 14.36 13.51 -6.29
C SER A 137 15.05 14.86 -6.34
N MET A 138 14.40 15.88 -6.94
CA MET A 138 14.99 17.20 -7.16
C MET A 138 14.21 18.27 -6.46
N SER A 139 14.67 18.70 -5.28
CA SER A 139 14.11 19.79 -4.53
C SER A 139 14.80 21.08 -4.99
N LEU A 140 14.58 21.43 -6.24
CA LEU A 140 15.23 22.53 -6.91
C LEU A 140 14.37 22.93 -8.12
N GLY A 141 14.70 24.07 -8.67
N GLY A 141 14.49 24.16 -8.53
CA GLY A 141 14.10 24.45 -9.94
CA GLY A 141 13.58 24.65 -9.57
C GLY A 141 14.32 25.90 -10.25
C GLY A 141 13.91 26.07 -9.95
N SER A 142 13.82 26.26 -11.42
N SER A 142 13.57 26.39 -11.20
CA SER A 142 13.97 27.59 -12.02
CA SER A 142 13.64 27.78 -11.62
C SER A 142 12.70 27.93 -12.79
C SER A 142 12.51 27.94 -12.63
N SER A 143 12.36 29.20 -12.96
CA SER A 143 11.20 29.56 -13.81
C SER A 143 11.43 29.13 -15.25
N ALA A 144 12.70 29.11 -15.68
CA ALA A 144 13.03 28.81 -17.05
C ALA A 144 13.28 27.31 -17.22
N ASN A 145 12.96 26.78 -18.39
N ASN A 145 12.73 26.86 -18.34
CA ASN A 145 13.15 25.41 -18.82
CA ASN A 145 13.16 25.51 -18.67
C ASN A 145 14.48 25.22 -19.53
C ASN A 145 14.64 25.65 -19.03
N ASN A 146 15.52 24.81 -18.79
N ASN A 146 15.31 24.52 -19.02
CA ASN A 146 16.82 24.53 -19.38
CA ASN A 146 16.69 24.45 -19.39
C ASN A 146 16.77 23.23 -20.16
C ASN A 146 16.91 23.16 -20.15
N SER A 147 17.32 23.27 -21.39
CA SER A 147 17.27 22.09 -22.26
C SER A 147 18.27 21.02 -21.89
N LEU A 148 19.35 21.37 -21.22
CA LEU A 148 20.23 20.34 -20.72
C LEU A 148 19.52 19.45 -19.70
N ILE A 149 18.82 20.11 -18.76
CA ILE A 149 18.10 19.36 -17.74
C ILE A 149 16.91 18.62 -18.36
N SER A 150 16.08 19.23 -19.23
N SER A 150 16.27 19.24 -19.32
CA SER A 150 14.93 18.56 -19.83
CA SER A 150 15.15 18.52 -19.89
C SER A 150 15.42 17.35 -20.64
C SER A 150 15.56 17.24 -20.57
N SER A 151 16.58 17.41 -21.38
CA SER A 151 17.05 16.25 -22.12
CA SER A 151 17.06 16.24 -22.14
C SER A 151 17.55 15.15 -21.18
N ALA A 152 18.19 15.54 -20.08
CA ALA A 152 18.60 14.58 -19.07
C ALA A 152 17.43 13.87 -18.43
N VAL A 153 16.36 14.60 -18.11
CA VAL A 153 15.17 14.00 -17.58
C VAL A 153 14.59 12.96 -18.55
N ASN A 154 14.56 13.29 -19.85
CA ASN A 154 14.07 12.34 -20.82
C ASN A 154 14.93 11.09 -20.87
N TYR A 155 16.25 11.31 -20.84
CA TYR A 155 17.19 10.21 -20.85
C TYR A 155 16.91 9.29 -19.67
N ALA A 156 16.82 9.87 -18.47
CA ALA A 156 16.58 9.04 -17.29
C ALA A 156 15.29 8.32 -17.37
N TYR A 157 14.19 9.02 -17.78
CA TYR A 157 12.91 8.38 -17.83
C TYR A 157 12.95 7.18 -18.78
N SER A 158 13.77 7.26 -19.86
N SER A 158 13.47 7.50 -19.96
CA SER A 158 13.89 6.19 -20.84
CA SER A 158 13.48 6.43 -20.96
C SER A 158 14.66 4.98 -20.33
C SER A 158 14.24 5.20 -20.48
N LYS A 159 15.45 5.14 -19.26
N LYS A 159 15.11 5.32 -19.45
CA LYS A 159 16.22 4.08 -18.61
CA LYS A 159 15.85 4.22 -18.89
C LYS A 159 15.36 3.52 -17.46
C LYS A 159 15.32 3.61 -17.61
N GLY A 160 14.10 3.99 -17.29
CA GLY A 160 13.27 3.41 -16.26
C GLY A 160 13.33 4.09 -14.90
N VAL A 161 13.90 5.29 -14.85
CA VAL A 161 14.00 6.03 -13.58
C VAL A 161 12.76 6.87 -13.44
N LEU A 162 12.29 6.99 -12.17
CA LEU A 162 11.19 7.90 -11.88
C LEU A 162 11.77 9.25 -11.47
N ILE A 163 11.24 10.36 -11.95
CA ILE A 163 11.68 11.71 -11.61
C ILE A 163 10.64 12.44 -10.86
N VAL A 164 10.98 12.97 -9.69
CA VAL A 164 10.08 13.74 -8.84
C VAL A 164 10.76 15.08 -8.57
N ALA A 165 10.04 16.18 -8.69
CA ALA A 165 10.66 17.50 -8.53
C ALA A 165 9.72 18.48 -7.93
N ALA A 166 10.22 19.51 -7.28
CA ALA A 166 9.47 20.51 -6.63
C ALA A 166 8.75 21.39 -7.62
N ALA A 167 7.51 21.81 -7.26
CA ALA A 167 6.82 22.77 -8.11
C ALA A 167 7.46 24.13 -8.15
N GLY A 168 8.09 24.53 -7.03
CA GLY A 168 8.64 25.86 -6.83
C GLY A 168 7.87 26.61 -5.74
N ASN A 169 8.47 27.73 -5.33
CA ASN A 169 7.96 28.50 -4.22
C ASN A 169 7.55 29.92 -4.61
N SER A 170 7.03 30.10 -5.83
CA SER A 170 6.73 31.46 -6.27
CA SER A 170 6.73 31.39 -6.42
C SER A 170 5.25 31.67 -6.47
N GLY A 171 4.46 30.88 -5.73
CA GLY A 171 3.01 31.05 -5.72
C GLY A 171 2.51 32.26 -5.01
N TYR A 172 1.20 32.51 -5.07
CA TYR A 172 0.18 31.58 -5.54
C TYR A 172 -0.43 31.97 -6.87
N SER A 173 0.09 32.91 -7.61
N SER A 173 0.16 32.96 -7.53
CA SER A 173 -0.40 33.21 -8.94
CA SER A 173 -0.44 33.22 -8.83
C SER A 173 -0.38 32.04 -9.90
C SER A 173 -0.15 32.02 -9.75
N GLN A 174 -1.33 32.02 -10.80
N GLN A 174 -1.20 31.49 -10.32
CA GLN A 174 -1.35 31.06 -11.90
CA GLN A 174 -1.39 30.67 -11.48
C GLN A 174 -0.04 31.11 -12.69
C GLN A 174 -0.28 30.90 -12.51
N GLY A 175 0.41 29.91 -13.06
CA GLY A 175 1.48 29.88 -14.00
C GLY A 175 2.88 30.08 -13.45
N THR A 176 3.05 29.88 -12.16
CA THR A 176 4.30 30.06 -11.48
C THR A 176 5.14 28.76 -11.36
N ILE A 177 4.65 27.60 -11.70
CA ILE A 177 5.35 26.36 -11.69
C ILE A 177 6.65 26.49 -12.44
N GLY A 178 7.71 25.91 -11.86
CA GLY A 178 9.02 25.91 -12.46
C GLY A 178 9.44 24.56 -12.97
N TYR A 179 10.66 24.54 -13.50
CA TYR A 179 11.28 23.39 -14.14
C TYR A 179 12.45 22.94 -13.26
N PRO A 180 12.72 21.63 -13.20
CA PRO A 180 12.17 20.57 -14.01
C PRO A 180 10.82 20.06 -13.65
N GLY A 181 10.16 20.53 -12.55
CA GLY A 181 8.87 20.03 -12.19
C GLY A 181 7.80 20.09 -13.32
N ALA A 182 7.80 21.19 -14.06
CA ALA A 182 6.83 21.39 -15.13
C ALA A 182 7.05 20.50 -16.34
N LEU A 183 8.09 19.72 -16.42
CA LEU A 183 8.29 18.83 -17.56
C LEU A 183 7.25 17.73 -17.54
N PRO A 184 6.77 17.28 -18.70
CA PRO A 184 5.86 16.12 -18.73
C PRO A 184 6.39 14.87 -18.05
N ASN A 185 7.71 14.61 -18.12
CA ASN A 185 8.31 13.39 -17.61
C ASN A 185 8.75 13.53 -16.13
N ALA A 186 8.41 14.65 -15.49
CA ALA A 186 8.74 14.81 -14.06
C ALA A 186 7.48 14.95 -13.28
N ILE A 187 7.41 14.44 -12.07
CA ILE A 187 6.25 14.60 -11.18
C ILE A 187 6.46 15.85 -10.35
N ALA A 188 5.64 16.89 -10.64
CA ALA A 188 5.73 18.17 -9.93
C ALA A 188 4.94 18.06 -8.62
N VAL A 189 5.59 18.48 -7.55
CA VAL A 189 5.06 18.36 -6.20
C VAL A 189 4.76 19.72 -5.59
N ALA A 190 3.50 19.93 -5.23
CA ALA A 190 3.02 21.07 -4.51
C ALA A 190 3.11 20.83 -3.00
N ALA A 191 3.24 21.95 -2.25
CA ALA A 191 3.31 21.93 -0.81
C ALA A 191 2.03 22.15 -0.09
N LEU A 192 1.71 21.27 0.84
CA LEU A 192 0.61 21.44 1.80
C LEU A 192 1.14 21.99 3.11
N GLU A 193 0.26 22.70 3.78
CA GLU A 193 0.53 23.15 5.15
C GLU A 193 -0.46 22.41 6.08
N ASN A 194 -0.17 22.41 7.36
CA ASN A 194 -0.95 21.67 8.33
C ASN A 194 -2.14 22.51 8.81
N VAL A 195 -3.02 22.81 7.87
CA VAL A 195 -4.20 23.60 8.03
C VAL A 195 -5.28 22.96 7.15
N GLN A 196 -6.52 22.93 7.64
CA GLN A 196 -7.62 22.42 6.85
C GLN A 196 -8.42 23.61 6.26
N GLN A 197 -8.82 23.45 5.01
CA GLN A 197 -9.73 24.39 4.37
C GLN A 197 -10.59 23.59 3.40
N ASN A 198 -11.87 23.86 3.35
CA ASN A 198 -12.76 23.10 2.50
C ASN A 198 -12.71 21.60 2.72
N GLY A 199 -12.44 21.24 4.00
CA GLY A 199 -12.45 19.87 4.39
C GLY A 199 -11.21 19.07 4.07
N THR A 200 -10.12 19.70 3.58
CA THR A 200 -8.94 19.04 3.20
C THR A 200 -7.72 19.79 3.68
N TYR A 201 -6.52 19.22 3.56
CA TYR A 201 -5.31 20.00 3.74
C TYR A 201 -5.33 21.14 2.74
N ARG A 202 -4.66 22.20 3.13
CA ARG A 202 -4.53 23.43 2.37
C ARG A 202 -3.22 23.55 1.68
N VAL A 203 -3.21 23.89 0.38
CA VAL A 203 -1.97 24.20 -0.31
C VAL A 203 -1.40 25.50 0.27
N ALA A 204 -0.09 25.50 0.55
CA ALA A 204 0.59 26.67 1.05
C ALA A 204 0.58 27.78 0.04
N ASP A 205 0.45 29.04 0.50
CA ASP A 205 0.42 30.18 -0.42
C ASP A 205 1.67 30.25 -1.31
N TYR A 206 2.83 29.90 -0.77
CA TYR A 206 4.05 30.02 -1.55
C TYR A 206 4.14 29.00 -2.68
N SER A 207 3.40 27.92 -2.63
CA SER A 207 3.59 26.80 -3.58
C SER A 207 3.25 27.27 -4.99
N SER A 208 4.16 26.99 -5.94
CA SER A 208 3.95 27.47 -7.29
C SER A 208 2.74 26.75 -7.91
N ARG A 209 1.95 27.50 -8.72
CA ARG A 209 0.74 27.02 -9.36
C ARG A 209 0.95 26.71 -10.83
N GLY A 210 0.27 25.69 -11.30
CA GLY A 210 0.21 25.43 -12.73
C GLY A 210 -0.75 26.32 -13.47
N TYR A 211 -1.31 25.78 -14.57
CA TYR A 211 -2.07 26.54 -15.55
C TYR A 211 -3.50 26.03 -15.64
N ILE A 212 -4.47 26.98 -15.77
CA ILE A 212 -5.85 26.60 -15.93
C ILE A 212 -6.09 25.72 -17.12
N SER A 213 -5.56 26.06 -18.27
N SER A 213 -5.46 26.04 -18.25
CA SER A 213 -6.04 25.37 -19.47
CA SER A 213 -5.72 25.48 -19.57
C SER A 213 -5.84 23.86 -19.46
C SER A 213 -5.65 23.96 -19.64
N THR A 214 -4.71 23.41 -18.88
CA THR A 214 -4.43 21.99 -18.92
C THR A 214 -4.75 21.30 -17.62
N ALA A 215 -5.23 21.98 -16.60
N ALA A 215 -5.31 21.98 -16.62
CA ALA A 215 -5.68 21.33 -15.37
CA ALA A 215 -5.68 21.25 -15.41
C ALA A 215 -7.06 20.71 -15.62
C ALA A 215 -7.17 20.86 -15.40
N GLY A 216 -7.37 19.64 -14.93
CA GLY A 216 -8.67 19.09 -14.80
C GLY A 216 -8.94 17.77 -15.40
N ASP A 217 -8.06 17.33 -16.28
CA ASP A 217 -8.22 16.10 -17.04
C ASP A 217 -7.55 14.89 -16.39
N TYR A 218 -6.83 15.05 -15.28
CA TYR A 218 -6.08 13.94 -14.69
C TYR A 218 -5.13 13.31 -15.70
N VAL A 219 -4.55 14.12 -16.57
CA VAL A 219 -3.48 13.68 -17.48
C VAL A 219 -2.42 14.75 -17.46
N ILE A 220 -1.17 14.41 -17.22
CA ILE A 220 -0.13 15.43 -17.07
C ILE A 220 0.48 15.89 -18.39
N GLN A 221 0.27 17.19 -18.62
CA GLN A 221 0.95 17.93 -19.67
C GLN A 221 2.01 18.83 -19.04
N GLU A 222 2.83 19.45 -19.92
CA GLU A 222 3.79 20.43 -19.45
C GLU A 222 3.09 21.52 -18.68
N GLY A 223 3.59 21.89 -17.52
CA GLY A 223 3.03 22.92 -16.70
C GLY A 223 2.06 22.47 -15.63
N ASP A 224 1.73 21.19 -15.56
CA ASP A 224 0.78 20.69 -14.58
C ASP A 224 1.45 20.24 -13.28
N ILE A 225 0.81 20.66 -12.20
CA ILE A 225 1.09 20.09 -10.87
C ILE A 225 0.54 18.68 -10.83
N GLU A 226 1.13 17.80 -10.09
CA GLU A 226 0.76 16.38 -10.10
C GLU A 226 0.32 15.91 -8.72
N ILE A 227 1.01 16.28 -7.67
N ILE A 227 1.30 15.89 -7.74
CA ILE A 227 0.81 15.59 -6.42
CA ILE A 227 1.07 15.37 -6.37
C ILE A 227 1.28 16.56 -5.32
C ILE A 227 1.15 16.54 -5.40
N SER A 228 0.36 16.61 -4.33
CA SER A 228 0.62 17.47 -3.18
C SER A 228 1.15 16.66 -2.00
N ALA A 229 1.96 17.27 -1.18
CA ALA A 229 2.48 16.60 0.01
C ALA A 229 2.89 17.68 1.02
N PRO A 230 3.05 17.28 2.30
CA PRO A 230 3.47 18.23 3.32
C PRO A 230 4.75 18.97 3.02
N GLY A 231 4.72 20.30 3.05
CA GLY A 231 5.91 21.08 2.83
C GLY A 231 6.21 22.18 3.82
N SER A 232 5.19 22.67 4.57
CA SER A 232 5.41 23.75 5.51
C SER A 232 5.72 23.24 6.91
N SER A 233 6.74 23.83 7.53
CA SER A 233 7.11 23.56 8.90
C SER A 233 7.47 22.08 9.08
N VAL A 234 8.46 21.63 8.31
CA VAL A 234 8.90 20.22 8.29
C VAL A 234 10.20 20.05 9.05
N TYR A 235 10.17 19.25 10.09
CA TYR A 235 11.30 18.87 10.92
C TYR A 235 12.02 17.70 10.26
N SER A 236 13.31 17.82 10.10
CA SER A 236 14.12 16.77 9.51
C SER A 236 15.57 16.91 9.92
N THR A 237 16.40 15.97 9.43
CA THR A 237 17.83 15.90 9.73
C THR A 237 18.56 17.13 9.19
N TRP A 238 19.68 17.49 9.86
CA TRP A 238 20.46 18.68 9.53
C TRP A 238 21.94 18.35 9.41
N TYR A 239 22.64 19.29 8.71
CA TYR A 239 23.95 18.95 8.15
C TYR A 239 25.06 18.77 9.16
N ASN A 240 24.90 19.40 10.31
CA ASN A 240 25.94 19.34 11.34
C ASN A 240 25.44 18.52 12.50
N GLY A 241 24.60 17.53 12.18
N GLY A 241 24.45 17.65 12.26
CA GLY A 241 23.97 16.54 13.00
CA GLY A 241 23.91 16.91 13.37
C GLY A 241 22.70 17.22 13.49
C GLY A 241 22.58 17.45 13.79
N GLY A 242 22.00 16.59 14.41
N GLY A 242 21.85 16.70 14.59
CA GLY A 242 20.82 17.31 14.75
CA GLY A 242 20.55 17.06 14.97
C GLY A 242 19.76 17.44 13.68
C GLY A 242 19.71 17.39 13.78
N TYR A 243 18.83 18.34 13.97
CA TYR A 243 17.59 18.49 13.21
C TYR A 243 17.30 19.97 13.00
N ASN A 244 16.41 20.28 12.07
CA ASN A 244 15.93 21.64 11.87
C ASN A 244 14.56 21.61 11.19
N THR A 245 13.88 22.74 11.20
CA THR A 245 12.60 22.90 10.60
C THR A 245 12.67 23.99 9.50
N ILE A 246 12.35 23.57 8.28
CA ILE A 246 12.32 24.52 7.15
C ILE A 246 11.05 24.18 6.36
N SER A 247 10.71 25.07 5.44
CA SER A 247 9.48 24.99 4.65
C SER A 247 9.76 25.15 3.18
N GLY A 248 8.91 24.53 2.36
CA GLY A 248 8.96 24.73 0.94
C GLY A 248 8.47 23.55 0.17
N THR A 249 8.31 23.75 -1.14
CA THR A 249 8.12 22.59 -2.03
C THR A 249 9.31 21.70 -1.99
N SER A 250 10.48 22.16 -1.57
CA SER A 250 11.63 21.36 -1.37
C SER A 250 11.39 20.25 -0.35
N MET A 251 10.56 20.50 0.64
CA MET A 251 10.23 19.59 1.72
C MET A 251 9.10 18.67 1.30
N ALA A 252 8.23 19.12 0.44
CA ALA A 252 7.13 18.32 -0.07
C ALA A 252 7.63 17.22 -0.97
N THR A 253 8.62 17.57 -1.83
CA THR A 253 9.17 16.67 -2.82
C THR A 253 9.66 15.32 -2.24
N PRO A 254 10.46 15.30 -1.18
CA PRO A 254 10.89 14.00 -0.65
C PRO A 254 9.80 13.22 0.03
N HIS A 255 8.71 13.82 0.47
CA HIS A 255 7.58 13.02 0.92
C HIS A 255 7.07 12.15 -0.23
N VAL A 256 6.99 12.74 -1.43
CA VAL A 256 6.54 12.01 -2.60
C VAL A 256 7.57 11.03 -3.09
N SER A 257 8.83 11.42 -3.19
CA SER A 257 9.79 10.43 -3.63
CA SER A 257 9.84 10.46 -3.58
C SER A 257 9.92 9.28 -2.64
N GLY A 258 9.83 9.56 -1.34
CA GLY A 258 9.81 8.48 -0.35
C GLY A 258 8.57 7.61 -0.50
N LEU A 259 7.39 8.22 -0.68
CA LEU A 259 6.22 7.41 -0.92
C LEU A 259 6.38 6.52 -2.15
N ALA A 260 6.90 7.11 -3.21
CA ALA A 260 7.13 6.33 -4.44
C ALA A 260 8.07 5.16 -4.16
N ALA A 261 9.11 5.36 -3.36
CA ALA A 261 10.00 4.26 -3.04
C ALA A 261 9.30 3.19 -2.23
N LYS A 262 8.45 3.61 -1.28
CA LYS A 262 7.70 2.66 -0.48
C LYS A 262 6.79 1.84 -1.37
N ILE A 263 6.08 2.47 -2.29
CA ILE A 263 5.20 1.76 -3.21
C ILE A 263 5.97 0.86 -4.14
N TRP A 264 7.11 1.34 -4.68
CA TRP A 264 7.87 0.51 -5.62
C TRP A 264 8.45 -0.71 -4.95
N ALA A 265 9.03 -0.61 -3.76
N ALA A 265 8.81 -0.55 -3.67
CA ALA A 265 9.60 -1.80 -3.14
CA ALA A 265 9.35 -1.69 -2.93
C ALA A 265 8.53 -2.86 -2.95
C ALA A 265 8.26 -2.70 -2.60
N GLU A 266 7.25 -2.51 -2.76
N GLU A 266 7.05 -2.25 -2.36
CA GLU A 266 6.14 -3.45 -2.63
CA GLU A 266 5.92 -3.16 -2.17
C GLU A 266 5.85 -4.14 -3.97
C GLU A 266 5.58 -3.89 -3.46
N ASN A 267 6.23 -3.60 -5.13
N ASN A 267 5.78 -3.25 -4.60
CA ASN A 267 6.08 -4.27 -6.42
CA ASN A 267 5.40 -3.70 -5.95
C ASN A 267 7.14 -3.76 -7.41
C ASN A 267 6.56 -3.59 -6.93
N PRO A 268 8.36 -4.26 -7.31
N PRO A 268 7.63 -4.34 -6.72
CA PRO A 268 9.45 -3.69 -8.12
CA PRO A 268 8.88 -4.08 -7.43
C PRO A 268 9.39 -4.08 -9.58
C PRO A 268 8.97 -4.46 -8.89
N SER A 269 8.43 -4.90 -9.97
N SER A 269 7.94 -5.09 -9.44
CA SER A 269 8.17 -5.20 -11.38
CA SER A 269 8.01 -5.33 -10.88
C SER A 269 7.44 -4.02 -12.06
C SER A 269 7.47 -4.18 -11.70
N LEU A 270 6.92 -3.11 -11.20
CA LEU A 270 6.32 -1.99 -11.90
C LEU A 270 7.38 -1.26 -12.70
N SER A 271 6.99 -0.84 -13.89
CA SER A 271 7.79 0.12 -14.62
C SER A 271 7.68 1.50 -13.95
N ASN A 272 8.55 2.43 -14.34
CA ASN A 272 8.35 3.81 -13.86
C ASN A 272 7.03 4.38 -14.24
N THR A 273 6.53 4.10 -15.45
CA THR A 273 5.24 4.61 -15.83
CA THR A 273 5.24 4.61 -15.85
C THR A 273 4.13 3.98 -15.01
N GLN A 274 4.20 2.72 -14.72
CA GLN A 274 3.16 2.09 -13.90
C GLN A 274 3.22 2.63 -12.48
N LEU A 275 4.41 2.80 -11.92
CA LEU A 275 4.54 3.39 -10.60
C LEU A 275 3.95 4.77 -10.57
N ARG A 276 4.31 5.56 -11.59
N ARG A 276 4.14 5.60 -11.58
CA ARG A 276 3.71 6.88 -11.71
CA ARG A 276 3.55 6.94 -11.68
C ARG A 276 2.21 6.77 -11.67
C ARG A 276 2.05 6.91 -11.73
N SER A 277 1.56 5.89 -12.45
CA SER A 277 0.14 5.74 -12.45
CA SER A 277 0.10 5.76 -12.47
C SER A 277 -0.40 5.37 -11.08
N ASN A 278 0.21 4.47 -10.35
N ASN A 278 0.31 4.50 -10.37
CA ASN A 278 -0.19 4.11 -9.00
CA ASN A 278 -0.13 4.11 -9.01
C ASN A 278 -0.15 5.32 -8.07
C ASN A 278 -0.24 5.40 -8.19
N LEU A 279 0.88 6.14 -8.17
CA LEU A 279 0.94 7.36 -7.38
CA LEU A 279 0.96 7.36 -7.38
C LEU A 279 -0.15 8.34 -7.73
N GLN A 280 -0.40 8.47 -9.05
CA GLN A 280 -1.49 9.36 -9.52
C GLN A 280 -2.81 8.92 -9.01
N GLU A 281 -3.08 7.62 -9.01
CA GLU A 281 -4.36 7.11 -8.52
C GLU A 281 -4.49 7.30 -7.00
N ARG A 282 -3.43 7.10 -6.25
CA ARG A 282 -3.42 7.42 -4.80
C ARG A 282 -3.81 8.88 -4.62
N ALA A 283 -3.15 9.76 -5.37
CA ALA A 283 -3.47 11.18 -5.20
C ALA A 283 -4.87 11.48 -5.56
N LYS A 284 -5.38 10.96 -6.67
CA LYS A 284 -6.71 11.25 -7.11
C LYS A 284 -7.75 10.89 -6.05
N SER A 285 -7.47 9.83 -5.28
CA SER A 285 -8.41 9.38 -4.27
C SER A 285 -8.43 10.29 -3.07
N VAL A 286 -7.56 11.29 -2.93
CA VAL A 286 -7.53 12.24 -1.83
C VAL A 286 -7.47 13.65 -2.45
N ASP A 287 -8.68 14.11 -2.85
CA ASP A 287 -8.79 15.40 -3.52
C ASP A 287 -8.47 16.53 -2.57
N ILE A 288 -7.55 17.41 -2.94
CA ILE A 288 -7.24 18.61 -2.18
C ILE A 288 -8.12 19.76 -2.70
N LYS A 289 -8.73 20.49 -1.79
CA LYS A 289 -9.71 21.54 -2.12
CA LYS A 289 -9.67 21.56 -2.16
C LYS A 289 -9.36 22.86 -1.44
N GLY A 290 -8.29 22.92 -0.65
CA GLY A 290 -7.98 24.15 0.10
C GLY A 290 -6.78 24.86 -0.50
N GLY A 291 -6.83 26.17 -0.46
CA GLY A 291 -5.79 27.04 -0.95
C GLY A 291 -6.17 27.69 -2.28
N TYR A 292 -5.47 28.78 -2.62
CA TYR A 292 -5.88 29.54 -3.80
C TYR A 292 -5.73 28.65 -5.05
N GLY A 293 -6.80 28.61 -5.85
CA GLY A 293 -6.84 27.83 -7.08
C GLY A 293 -7.27 26.38 -6.85
N ALA A 294 -7.28 25.91 -5.60
CA ALA A 294 -7.71 24.55 -5.37
C ALA A 294 -9.18 24.38 -5.61
N ALA A 295 -9.56 23.21 -6.10
CA ALA A 295 -10.96 22.98 -6.56
C ALA A 295 -11.29 21.53 -6.41
N ILE A 296 -12.55 21.17 -6.53
CA ILE A 296 -12.96 19.81 -6.72
C ILE A 296 -12.23 19.24 -7.95
N GLY A 297 -11.66 18.08 -7.79
CA GLY A 297 -10.98 17.41 -8.90
C GLY A 297 -9.54 17.86 -9.07
N ASP A 298 -8.97 17.53 -10.23
CA ASP A 298 -7.61 17.87 -10.57
C ASP A 298 -7.55 19.38 -10.78
N ASP A 299 -6.60 20.03 -10.09
CA ASP A 299 -6.55 21.48 -10.19
C ASP A 299 -5.12 21.99 -10.21
N TYR A 300 -4.93 23.26 -10.54
CA TYR A 300 -3.61 23.80 -10.80
C TYR A 300 -2.89 24.22 -9.50
N ALA A 301 -3.52 24.10 -8.35
CA ALA A 301 -2.84 24.35 -7.06
C ALA A 301 -2.26 23.08 -6.47
N SER A 302 -3.00 21.96 -6.56
CA SER A 302 -2.69 20.75 -5.85
C SER A 302 -2.54 19.55 -6.75
N GLY A 303 -2.75 19.71 -8.06
CA GLY A 303 -2.68 18.58 -8.97
C GLY A 303 -3.80 17.59 -8.69
N PHE A 304 -3.48 16.33 -8.79
CA PHE A 304 -4.45 15.28 -8.68
C PHE A 304 -4.94 15.13 -7.25
N GLY A 305 -4.13 15.50 -6.29
CA GLY A 305 -4.47 15.33 -4.88
C GLY A 305 -3.27 14.94 -4.04
N PHE A 306 -3.55 14.38 -2.87
CA PHE A 306 -2.53 14.05 -1.87
C PHE A 306 -2.37 12.52 -1.81
N ALA A 307 -1.30 12.04 -2.40
CA ALA A 307 -1.06 10.60 -2.35
C ALA A 307 -0.62 10.19 -0.94
N ARG A 308 -1.36 9.19 -0.41
N ARG A 308 -1.04 9.02 -0.49
CA ARG A 308 -1.11 8.69 0.93
CA ARG A 308 -0.74 8.55 0.86
C ARG A 308 -0.86 7.17 0.96
C ARG A 308 -0.39 7.07 0.76
N VAL A 309 -0.43 6.62 2.08
N VAL A 309 0.00 6.49 1.87
CA VAL A 309 -0.20 5.19 2.24
CA VAL A 309 0.50 5.12 1.87
C VAL A 309 -1.55 4.39 2.14
C VAL A 309 -0.64 4.12 1.59
N ARG B 1 -11.23 1.53 -17.16
CA ARG B 1 -11.16 1.90 -15.76
C ARG B 1 -10.23 1.01 -14.94
N ALA B 2 -10.06 -0.26 -15.31
CA ALA B 2 -9.24 -1.19 -14.53
C ALA B 2 -7.92 -1.39 -15.28
N SER B 3 -6.82 -1.23 -14.56
CA SER B 3 -5.52 -1.45 -15.20
C SER B 3 -5.18 -2.90 -15.35
N GLN B 4 -5.75 -3.79 -14.52
N GLN B 4 -5.67 -3.74 -14.46
CA GLN B 4 -5.63 -5.23 -14.69
CA GLN B 4 -5.51 -5.18 -14.63
C GLN B 4 -6.89 -5.94 -14.19
C GLN B 4 -6.93 -5.69 -14.36
N GLN B 5 -7.60 -6.46 -15.19
CA GLN B 5 -8.88 -7.05 -14.89
C GLN B 5 -8.75 -8.35 -14.11
N ILE B 6 -7.66 -9.07 -14.28
CA ILE B 6 -7.38 -10.34 -13.61
C ILE B 6 -6.06 -10.19 -12.87
N PRO B 7 -6.08 -9.68 -11.64
CA PRO B 7 -4.83 -9.45 -10.86
C PRO B 7 -4.05 -10.75 -10.67
N TRP B 8 -2.77 -10.58 -10.36
CA TRP B 8 -1.86 -11.73 -10.24
C TRP B 8 -2.42 -12.75 -9.25
N GLY B 9 -3.00 -12.28 -8.16
CA GLY B 9 -3.41 -13.23 -7.15
C GLY B 9 -4.57 -14.11 -7.58
N ILE B 10 -5.45 -13.53 -8.43
CA ILE B 10 -6.57 -14.27 -9.01
C ILE B 10 -6.02 -15.35 -9.96
N LYS B 11 -5.10 -14.95 -10.85
CA LYS B 11 -4.44 -15.93 -11.72
C LYS B 11 -3.76 -17.01 -10.92
N ALA B 12 -3.12 -16.62 -9.82
CA ALA B 12 -2.37 -17.62 -9.03
C ALA B 12 -3.33 -18.59 -8.35
N ILE B 13 -4.40 -18.11 -7.78
N ILE B 13 -4.41 -18.14 -7.74
CA ILE B 13 -5.27 -19.10 -7.12
CA ILE B 13 -5.51 -18.92 -7.11
C ILE B 13 -6.07 -19.90 -8.12
C ILE B 13 -6.00 -19.92 -8.16
N TYR B 14 -6.29 -19.41 -9.34
CA TYR B 14 -6.88 -20.22 -10.40
C TYR B 14 -5.90 -21.15 -11.05
N ASN B 15 -4.61 -20.89 -10.87
CA ASN B 15 -3.54 -21.63 -11.47
C ASN B 15 -3.72 -21.62 -13.01
N ASN B 16 -3.87 -20.40 -13.50
CA ASN B 16 -4.08 -20.14 -14.92
C ASN B 16 -3.55 -18.76 -15.29
N ASP B 17 -2.35 -18.72 -15.88
CA ASP B 17 -1.72 -17.44 -16.22
C ASP B 17 -2.43 -16.75 -17.40
N THR B 18 -3.32 -17.45 -18.11
CA THR B 18 -4.03 -16.73 -19.16
C THR B 18 -5.48 -16.63 -18.85
N LEU B 19 -5.88 -16.76 -17.58
CA LEU B 19 -7.27 -16.57 -17.22
C LEU B 19 -7.85 -15.27 -17.73
N THR B 20 -9.04 -15.21 -18.32
CA THR B 20 -9.62 -13.97 -18.77
C THR B 20 -10.93 -13.65 -18.03
N SER B 21 -11.50 -14.57 -17.28
CA SER B 21 -12.61 -14.25 -16.41
C SER B 21 -12.67 -15.32 -15.36
N THR B 22 -13.26 -14.98 -14.23
CA THR B 22 -13.50 -15.93 -13.16
C THR B 22 -14.95 -16.41 -13.22
N THR B 23 -15.26 -17.43 -12.42
CA THR B 23 -16.62 -17.95 -12.41
C THR B 23 -16.88 -18.58 -11.05
N GLY B 24 -18.14 -18.72 -10.70
CA GLY B 24 -18.53 -19.53 -9.57
C GLY B 24 -18.93 -18.75 -8.33
N GLY B 25 -19.47 -19.51 -7.38
CA GLY B 25 -19.96 -19.00 -6.11
C GLY B 25 -21.43 -18.83 -5.99
N SER B 26 -22.23 -19.14 -7.03
CA SER B 26 -23.63 -18.84 -6.96
CA SER B 26 -23.65 -18.96 -7.01
C SER B 26 -24.30 -19.48 -5.74
N GLY B 27 -25.15 -18.64 -5.11
CA GLY B 27 -25.89 -19.00 -3.94
C GLY B 27 -25.15 -18.93 -2.64
N ILE B 28 -23.83 -18.75 -2.65
CA ILE B 28 -23.05 -18.68 -1.41
C ILE B 28 -22.93 -17.21 -1.03
N ASN B 29 -23.19 -16.93 0.26
CA ASN B 29 -23.02 -15.56 0.76
C ASN B 29 -21.66 -15.42 1.38
N ILE B 30 -20.96 -14.34 1.04
CA ILE B 30 -19.71 -13.97 1.70
C ILE B 30 -20.00 -12.72 2.50
N ALA B 31 -19.97 -12.88 3.84
CA ALA B 31 -20.16 -11.76 4.77
C ALA B 31 -18.77 -11.19 5.03
N VAL B 32 -18.57 -10.01 4.44
CA VAL B 32 -17.29 -9.29 4.59
C VAL B 32 -17.50 -8.33 5.75
N LEU B 33 -16.89 -8.66 6.89
CA LEU B 33 -17.00 -7.92 8.13
C LEU B 33 -15.84 -6.95 8.17
N ASP B 34 -16.08 -5.68 7.90
CA ASP B 34 -14.93 -4.80 7.58
C ASP B 34 -15.32 -3.36 7.77
N THR B 35 -14.75 -2.43 7.02
CA THR B 35 -15.02 -1.01 7.12
C THR B 35 -16.29 -0.56 6.32
N GLY B 36 -17.04 -1.51 5.81
CA GLY B 36 -18.11 -1.22 4.90
C GLY B 36 -17.73 -1.50 3.46
N VAL B 37 -18.60 -1.23 2.52
CA VAL B 37 -18.20 -1.51 1.14
CA VAL B 37 -18.44 -1.35 1.08
C VAL B 37 -18.84 -0.38 0.36
C VAL B 37 -19.11 -0.25 0.26
N ASN B 38 -18.14 -0.02 -0.70
N ASN B 38 -18.45 0.22 -0.78
CA ASN B 38 -18.79 0.81 -1.73
CA ASN B 38 -19.03 1.11 -1.76
C ASN B 38 -19.66 -0.10 -2.60
C ASN B 38 -20.01 0.28 -2.64
N THR B 39 -20.92 -0.34 -2.21
N THR B 39 -21.27 0.45 -2.24
CA THR B 39 -21.93 -1.19 -2.82
CA THR B 39 -22.38 -0.26 -2.74
C THR B 39 -22.39 -0.73 -4.19
C THR B 39 -22.61 0.07 -4.21
N SER B 40 -22.04 0.49 -4.60
N SER B 40 -22.11 1.22 -4.65
CA SER B 40 -22.42 0.97 -5.94
CA SER B 40 -22.32 1.49 -6.08
C SER B 40 -21.26 0.95 -6.93
C SER B 40 -21.12 1.19 -6.96
N HIS B 41 -20.10 0.50 -6.47
CA HIS B 41 -18.97 0.29 -7.36
C HIS B 41 -19.43 -0.54 -8.53
N PRO B 42 -19.14 -0.18 -9.77
CA PRO B 42 -19.72 -1.02 -10.86
CA PRO B 42 -19.57 -1.00 -10.91
C PRO B 42 -19.29 -2.48 -10.78
N ASP B 43 -18.15 -2.83 -10.16
CA ASP B 43 -17.71 -4.21 -10.17
C ASP B 43 -18.28 -5.01 -8.99
N LEU B 44 -18.99 -4.34 -8.09
CA LEU B 44 -19.58 -4.99 -6.94
C LEU B 44 -21.11 -4.92 -6.94
N VAL B 45 -21.74 -3.93 -7.58
CA VAL B 45 -23.14 -3.65 -7.44
C VAL B 45 -24.00 -4.87 -7.77
N ASN B 46 -23.63 -5.70 -8.71
CA ASN B 46 -24.42 -6.86 -9.06
C ASN B 46 -24.47 -7.92 -7.96
N ASN B 47 -23.52 -7.90 -7.03
CA ASN B 47 -23.47 -8.92 -5.99
C ASN B 47 -23.90 -8.45 -4.62
N VAL B 48 -24.11 -7.16 -4.40
N VAL B 48 -24.22 -7.17 -4.51
CA VAL B 48 -24.46 -6.69 -3.09
CA VAL B 48 -24.66 -6.69 -3.19
C VAL B 48 -25.89 -7.12 -2.71
C VAL B 48 -25.97 -7.36 -2.85
N GLU B 49 -26.02 -7.89 -1.65
CA GLU B 49 -27.25 -8.48 -1.20
CA GLU B 49 -27.29 -8.46 -1.20
C GLU B 49 -27.68 -7.99 0.19
N GLN B 50 -26.73 -7.83 1.10
CA GLN B 50 -27.00 -7.23 2.43
C GLN B 50 -25.98 -6.10 2.63
N CYS B 51 -26.42 -5.11 3.40
CA CYS B 51 -25.66 -3.93 3.70
C CYS B 51 -26.06 -3.47 5.12
N LYS B 52 -25.27 -3.76 6.11
CA LYS B 52 -25.66 -3.55 7.50
CA LYS B 52 -25.70 -3.41 7.48
C LYS B 52 -24.47 -2.96 8.25
N ASP B 53 -24.78 -2.14 9.28
CA ASP B 53 -23.80 -1.50 10.09
C ASP B 53 -23.94 -1.96 11.54
N PHE B 54 -22.82 -2.32 12.11
CA PHE B 54 -22.72 -2.79 13.48
C PHE B 54 -21.96 -1.83 14.37
N THR B 55 -21.61 -0.65 13.86
CA THR B 55 -20.82 0.32 14.59
C THR B 55 -21.63 1.46 15.20
N GLY B 56 -22.92 1.40 15.05
CA GLY B 56 -23.80 2.47 15.48
C GLY B 56 -24.56 2.23 16.74
N ALA B 57 -25.51 3.09 17.04
CA ALA B 57 -26.10 3.23 18.33
C ALA B 57 -27.21 2.21 18.60
N THR B 58 -27.71 1.58 17.54
CA THR B 58 -28.52 0.39 17.64
C THR B 58 -27.86 -0.61 16.70
N THR B 59 -28.21 -1.88 16.83
CA THR B 59 -27.62 -2.91 16.04
C THR B 59 -28.58 -4.05 15.75
N PRO B 60 -28.65 -4.59 14.55
N PRO B 60 -28.45 -4.61 14.55
CA PRO B 60 -27.97 -4.04 13.37
CA PRO B 60 -27.78 -4.05 13.39
C PRO B 60 -28.63 -2.74 12.92
C PRO B 60 -28.57 -2.83 12.89
N ILE B 61 -27.93 -1.96 12.13
CA ILE B 61 -28.58 -0.91 11.33
C ILE B 61 -28.64 -1.37 9.90
N ASN B 62 -29.81 -1.62 9.39
CA ASN B 62 -30.04 -2.11 8.04
C ASN B 62 -29.87 -0.98 7.01
N ASN B 63 -29.51 -1.42 5.81
CA ASN B 63 -29.37 -0.54 4.65
C ASN B 63 -28.40 0.59 4.89
N SER B 64 -27.26 0.23 5.54
CA SER B 64 -26.17 1.15 5.82
C SER B 64 -24.91 0.38 5.95
N CYS B 65 -23.86 0.73 5.19
N CYS B 65 -23.96 0.74 5.11
CA CYS B 65 -22.64 0.00 5.24
CA CYS B 65 -22.70 0.05 5.21
C CYS B 65 -21.51 0.81 4.56
C CYS B 65 -21.69 0.86 4.40
N THR B 66 -21.53 2.13 4.76
CA THR B 66 -20.69 3.04 4.00
C THR B 66 -19.23 2.93 4.30
N ASP B 67 -18.45 2.63 3.25
CA ASP B 67 -17.01 2.59 3.36
C ASP B 67 -16.42 3.99 3.10
N ARG B 68 -15.73 4.51 4.11
CA ARG B 68 -15.04 5.79 4.03
C ARG B 68 -13.51 5.55 4.11
N ASN B 69 -13.07 4.30 4.10
CA ASN B 69 -11.70 3.91 4.28
C ASN B 69 -11.12 3.33 3.00
N GLY B 70 -11.79 2.34 2.42
CA GLY B 70 -11.35 1.61 1.26
C GLY B 70 -11.09 0.16 1.54
N HIS B 71 -10.58 -0.15 2.77
CA HIS B 71 -10.19 -1.53 3.09
C HIS B 71 -11.31 -2.53 2.79
N GLY B 72 -12.53 -2.25 3.27
CA GLY B 72 -13.63 -3.19 3.08
C GLY B 72 -14.02 -3.36 1.61
N THR B 73 -14.02 -2.26 0.86
CA THR B 73 -14.27 -2.36 -0.56
C THR B 73 -13.24 -3.18 -1.28
N HIS B 74 -11.99 -3.02 -0.90
CA HIS B 74 -10.88 -3.72 -1.53
C HIS B 74 -11.00 -5.22 -1.29
N VAL B 75 -11.25 -5.56 -0.03
CA VAL B 75 -11.42 -6.97 0.35
C VAL B 75 -12.59 -7.59 -0.40
N ALA B 76 -13.71 -6.91 -0.48
CA ALA B 76 -14.87 -7.43 -1.18
C ALA B 76 -14.57 -7.69 -2.65
N GLY B 77 -13.87 -6.80 -3.30
CA GLY B 77 -13.54 -6.99 -4.70
C GLY B 77 -12.71 -8.19 -4.98
N THR B 78 -11.79 -8.53 -4.08
CA THR B 78 -10.95 -9.69 -4.25
C THR B 78 -11.75 -10.98 -4.15
N ALA B 79 -12.76 -10.95 -3.20
CA ALA B 79 -13.57 -12.16 -3.02
C ALA B 79 -14.53 -12.38 -4.20
N LEU B 80 -15.16 -11.30 -4.72
CA LEU B 80 -16.36 -11.53 -5.52
C LEU B 80 -16.65 -10.44 -6.54
N ALA B 81 -15.70 -9.52 -6.89
CA ALA B 81 -16.00 -8.65 -8.01
C ALA B 81 -16.34 -9.46 -9.26
N ASP B 82 -17.24 -8.92 -10.10
CA ASP B 82 -17.77 -9.68 -11.19
C ASP B 82 -17.43 -9.14 -12.58
N GLY B 83 -16.58 -8.16 -12.68
CA GLY B 83 -16.23 -7.52 -13.93
C GLY B 83 -17.16 -6.37 -14.32
N GLY B 84 -18.28 -6.23 -13.60
CA GLY B 84 -19.23 -5.19 -13.91
C GLY B 84 -20.19 -5.62 -15.01
N SER B 85 -21.31 -4.88 -15.14
CA SER B 85 -22.30 -5.15 -16.16
C SER B 85 -21.84 -4.76 -17.57
N ASP B 86 -20.64 -4.17 -17.70
CA ASP B 86 -20.01 -3.89 -18.96
C ASP B 86 -18.77 -4.75 -19.18
N GLN B 87 -18.43 -5.70 -18.29
CA GLN B 87 -17.30 -6.57 -18.38
C GLN B 87 -16.02 -5.82 -18.44
N ALA B 88 -15.98 -4.57 -17.98
CA ALA B 88 -14.77 -3.73 -18.07
C ALA B 88 -14.07 -3.54 -16.74
N GLY B 89 -14.49 -4.27 -15.72
CA GLY B 89 -13.90 -4.12 -14.39
C GLY B 89 -13.04 -5.34 -14.02
N ILE B 90 -12.74 -5.41 -12.72
CA ILE B 90 -11.94 -6.53 -12.23
C ILE B 90 -12.86 -7.72 -11.85
N TYR B 91 -12.23 -8.86 -11.76
CA TYR B 91 -12.84 -10.10 -11.34
C TYR B 91 -12.20 -10.58 -10.03
N GLY B 92 -13.07 -10.98 -9.09
CA GLY B 92 -12.68 -11.67 -7.87
C GLY B 92 -12.84 -13.14 -8.03
N VAL B 93 -12.53 -13.88 -6.95
CA VAL B 93 -12.45 -15.34 -7.08
C VAL B 93 -13.78 -15.98 -7.36
N ALA B 94 -14.86 -15.47 -6.75
CA ALA B 94 -16.19 -16.07 -6.78
C ALA B 94 -17.19 -15.02 -7.26
N PRO B 95 -17.16 -14.70 -8.56
CA PRO B 95 -17.93 -13.54 -9.05
C PRO B 95 -19.43 -13.70 -9.02
N ASP B 96 -19.93 -14.92 -8.79
CA ASP B 96 -21.37 -15.15 -8.69
C ASP B 96 -21.84 -15.22 -7.24
N ALA B 97 -20.95 -15.11 -6.26
CA ALA B 97 -21.33 -15.12 -4.87
C ALA B 97 -22.08 -13.84 -4.52
N ASP B 98 -22.83 -13.90 -3.39
CA ASP B 98 -23.58 -12.80 -2.85
C ASP B 98 -22.74 -12.12 -1.77
N LEU B 99 -22.68 -10.78 -1.79
CA LEU B 99 -22.00 -10.00 -0.77
C LEU B 99 -22.93 -9.59 0.32
N TRP B 100 -22.53 -9.90 1.57
CA TRP B 100 -23.19 -9.30 2.75
C TRP B 100 -22.14 -8.35 3.33
N ALA B 101 -22.28 -7.07 3.08
CA ALA B 101 -21.34 -6.06 3.54
C ALA B 101 -21.72 -5.65 4.94
N TYR B 102 -21.03 -6.11 5.94
CA TYR B 102 -21.30 -5.84 7.34
C TYR B 102 -20.20 -4.94 7.88
N LYS B 103 -20.53 -3.70 8.24
CA LYS B 103 -19.55 -2.75 8.73
C LYS B 103 -19.36 -2.99 10.23
N VAL B 104 -18.20 -3.47 10.58
CA VAL B 104 -17.84 -3.74 11.98
C VAL B 104 -16.65 -2.93 12.45
N LEU B 105 -15.94 -2.27 11.52
CA LEU B 105 -14.82 -1.41 11.80
C LEU B 105 -15.25 0.03 11.55
N LEU B 106 -14.80 0.92 12.42
CA LEU B 106 -14.95 2.35 12.18
C LEU B 106 -14.16 2.74 10.93
N ASP B 107 -14.37 3.99 10.49
CA ASP B 107 -13.72 4.50 9.29
C ASP B 107 -12.20 4.51 9.44
N SER B 108 -11.68 4.59 10.67
CA SER B 108 -10.29 4.52 10.95
C SER B 108 -9.68 3.18 10.66
N GLY B 109 -10.46 2.11 10.51
CA GLY B 109 -9.95 0.79 10.33
C GLY B 109 -9.89 -0.05 11.60
N SER B 110 -10.27 0.55 12.71
N SER B 110 -10.14 0.57 12.75
CA SER B 110 -10.31 -0.07 14.04
CA SER B 110 -10.15 -0.29 13.95
C SER B 110 -11.74 -0.32 14.48
C SER B 110 -11.61 -0.43 14.33
N GLY B 111 -12.01 -1.41 15.14
N GLY B 111 -11.90 -1.30 15.29
CA GLY B 111 -13.35 -1.83 15.52
CA GLY B 111 -13.26 -1.39 15.77
C GLY B 111 -13.38 -2.47 16.91
C GLY B 111 -13.30 -1.98 17.18
N TYR B 112 -14.51 -2.36 17.55
CA TYR B 112 -14.71 -2.87 18.90
C TYR B 112 -15.15 -4.33 18.82
N SER B 113 -14.65 -5.08 19.81
CA SER B 113 -14.94 -6.50 19.83
C SER B 113 -16.40 -6.85 19.95
N ASP B 114 -17.19 -6.07 20.72
CA ASP B 114 -18.63 -6.40 20.80
C ASP B 114 -19.31 -6.25 19.46
N ASP B 115 -18.93 -5.24 18.69
CA ASP B 115 -19.52 -5.02 17.38
C ASP B 115 -19.19 -6.14 16.40
N ILE B 116 -17.93 -6.56 16.42
CA ILE B 116 -17.48 -7.67 15.58
C ILE B 116 -18.23 -8.94 15.96
N ALA B 117 -18.35 -9.20 17.26
CA ALA B 117 -19.07 -10.39 17.73
C ALA B 117 -20.54 -10.35 17.30
N ALA B 118 -21.18 -9.20 17.45
CA ALA B 118 -22.55 -9.08 17.07
C ALA B 118 -22.75 -9.38 15.59
N ALA B 119 -21.85 -8.92 14.74
CA ALA B 119 -21.96 -9.14 13.32
C ALA B 119 -21.77 -10.61 12.98
N ILE B 120 -20.84 -11.29 13.67
CA ILE B 120 -20.60 -12.71 13.44
C ILE B 120 -21.89 -13.48 13.73
N ARG B 121 -22.50 -13.19 14.90
CA ARG B 121 -23.67 -13.92 15.28
CA ARG B 121 -23.77 -13.86 15.26
C ARG B 121 -24.76 -13.56 14.28
C ARG B 121 -24.94 -13.53 14.36
N HIS B 122 -24.92 -12.30 13.89
CA HIS B 122 -26.02 -11.91 12.99
C HIS B 122 -25.88 -12.63 11.65
N ALA B 123 -24.66 -12.73 11.12
CA ALA B 123 -24.44 -13.46 9.87
C ALA B 123 -24.95 -14.90 10.01
N ALA B 124 -24.64 -15.54 11.14
CA ALA B 124 -25.14 -16.88 11.37
C ALA B 124 -26.65 -16.94 11.45
N ASP B 125 -27.25 -16.01 12.15
CA ASP B 125 -28.69 -15.99 12.25
C ASP B 125 -29.33 -15.78 10.88
N GLN B 126 -28.70 -14.97 10.04
CA GLN B 126 -29.22 -14.75 8.69
C GLN B 126 -29.02 -15.97 7.81
N ALA B 127 -27.89 -16.69 7.95
CA ALA B 127 -27.73 -17.98 7.27
C ALA B 127 -28.88 -18.92 7.63
N THR B 128 -29.19 -19.01 8.92
CA THR B 128 -30.25 -19.90 9.38
C THR B 128 -31.58 -19.44 8.87
N ALA B 129 -31.88 -18.13 8.94
CA ALA B 129 -33.18 -17.62 8.56
C ALA B 129 -33.42 -17.87 7.06
N THR B 130 -32.42 -17.65 6.25
CA THR B 130 -32.55 -17.74 4.81
C THR B 130 -32.35 -19.17 4.28
N GLY B 131 -31.80 -20.05 5.05
CA GLY B 131 -31.49 -21.39 4.60
C GLY B 131 -30.34 -21.46 3.62
N THR B 132 -29.46 -20.45 3.60
N THR B 132 -29.39 -20.56 3.79
CA THR B 132 -28.40 -20.33 2.58
CA THR B 132 -28.29 -20.55 2.83
C THR B 132 -27.02 -20.38 3.22
C THR B 132 -26.95 -20.78 3.49
N LYS B 133 -26.04 -21.03 2.55
CA LYS B 133 -24.67 -21.27 2.97
C LYS B 133 -23.92 -19.93 2.99
N THR B 134 -23.23 -19.70 4.09
CA THR B 134 -22.59 -18.42 4.38
C THR B 134 -21.17 -18.62 4.90
N ILE B 135 -20.31 -17.74 4.38
CA ILE B 135 -18.94 -17.66 4.80
C ILE B 135 -18.70 -16.29 5.42
N ILE B 136 -18.18 -16.24 6.65
CA ILE B 136 -17.73 -15.01 7.28
C ILE B 136 -16.27 -14.81 6.93
N SER B 137 -15.95 -13.63 6.42
CA SER B 137 -14.60 -13.29 6.03
C SER B 137 -14.16 -12.08 6.85
N MET B 138 -13.14 -12.27 7.70
CA MET B 138 -12.64 -11.25 8.61
C MET B 138 -11.22 -10.87 8.32
N SER B 139 -11.01 -9.77 7.61
CA SER B 139 -9.69 -9.21 7.37
C SER B 139 -9.38 -8.21 8.47
N LEU B 140 -9.23 -8.77 9.68
CA LEU B 140 -9.07 -7.98 10.90
C LEU B 140 -8.47 -8.92 11.95
N GLY B 141 -7.92 -8.29 12.96
CA GLY B 141 -7.47 -9.10 14.07
C GLY B 141 -6.70 -8.27 15.08
N SER B 142 -6.41 -8.90 16.18
N SER B 142 -6.41 -8.95 16.16
CA SER B 142 -5.59 -8.27 17.23
CA SER B 142 -5.75 -8.47 17.36
C SER B 142 -4.74 -9.35 17.90
C SER B 142 -4.83 -9.56 17.95
N SER B 143 -3.88 -9.01 18.89
N SER B 143 -3.71 -9.08 18.50
CA SER B 143 -3.09 -10.09 19.44
CA SER B 143 -2.71 -9.85 19.15
C SER B 143 -3.82 -10.88 20.52
C SER B 143 -3.31 -10.75 20.22
N ALA B 144 -4.77 -10.22 21.09
N ALA B 144 -4.37 -10.33 20.89
CA ALA B 144 -5.60 -10.63 22.19
CA ALA B 144 -4.97 -11.10 21.95
C ALA B 144 -6.78 -11.47 21.69
C ALA B 144 -6.38 -11.58 21.64
N ASN B 145 -7.17 -12.50 22.45
N ASN B 145 -6.71 -12.74 22.20
CA ASN B 145 -8.26 -13.39 22.22
CA ASN B 145 -8.07 -13.27 22.06
C ASN B 145 -9.44 -12.94 23.05
C ASN B 145 -9.06 -12.43 22.83
N ASN B 146 -10.33 -12.14 22.46
N ASN B 146 -10.33 -12.61 22.47
CA ASN B 146 -11.53 -11.63 23.08
CA ASN B 146 -11.42 -11.87 23.01
C ASN B 146 -12.55 -12.77 23.16
C ASN B 146 -12.66 -12.76 23.12
N SER B 147 -13.19 -12.92 24.32
CA SER B 147 -14.15 -14.00 24.52
C SER B 147 -15.52 -13.68 23.83
N LEU B 148 -15.84 -12.44 23.61
CA LEU B 148 -17.05 -12.11 22.84
C LEU B 148 -16.91 -12.61 21.41
N ILE B 149 -15.76 -12.34 20.79
CA ILE B 149 -15.54 -12.78 19.44
C ILE B 149 -15.40 -14.29 19.37
N SER B 150 -14.66 -14.89 20.31
CA SER B 150 -14.48 -16.36 20.26
CA SER B 150 -14.48 -16.35 20.18
C SER B 150 -15.82 -17.06 20.37
N SER B 151 -16.68 -16.60 21.32
CA SER B 151 -17.98 -17.19 21.53
CA SER B 151 -17.96 -17.28 21.52
C SER B 151 -18.85 -17.06 20.28
N ALA B 152 -18.77 -15.89 19.65
CA ALA B 152 -19.52 -15.66 18.43
C ALA B 152 -19.05 -16.57 17.31
N VAL B 153 -17.74 -16.73 17.13
CA VAL B 153 -17.23 -17.66 16.13
C VAL B 153 -17.79 -19.07 16.39
N ASN B 154 -17.86 -19.48 17.65
N ASN B 154 -17.66 -19.55 17.63
CA ASN B 154 -18.36 -20.82 17.98
CA ASN B 154 -18.20 -20.88 17.91
C ASN B 154 -19.81 -20.98 17.60
C ASN B 154 -19.71 -20.92 17.64
N TYR B 155 -20.54 -19.92 17.93
CA TYR B 155 -21.95 -19.88 17.64
C TYR B 155 -22.14 -20.03 16.14
N ALA B 156 -21.45 -19.23 15.35
CA ALA B 156 -21.60 -19.29 13.91
C ALA B 156 -21.22 -20.63 13.38
N TYR B 157 -20.09 -21.18 13.82
N TYR B 157 -20.08 -21.18 13.83
CA TYR B 157 -19.60 -22.45 13.30
CA TYR B 157 -19.63 -22.47 13.34
C TYR B 157 -20.59 -23.57 13.65
C TYR B 157 -20.73 -23.50 13.59
N SER B 158 -21.25 -23.48 14.80
CA SER B 158 -22.25 -24.48 15.21
C SER B 158 -23.48 -24.44 14.33
N LYS B 159 -23.59 -23.31 13.61
N LYS B 159 -23.87 -23.28 13.74
CA LYS B 159 -24.82 -23.13 12.84
CA LYS B 159 -24.94 -23.04 12.82
C LYS B 159 -24.56 -23.31 11.35
C LYS B 159 -24.57 -23.33 11.37
N GLY B 160 -23.36 -23.79 11.06
CA GLY B 160 -22.98 -24.20 9.73
C GLY B 160 -22.27 -23.16 8.91
N VAL B 161 -21.84 -22.04 9.54
CA VAL B 161 -21.13 -20.98 8.83
C VAL B 161 -19.66 -21.32 8.81
N LEU B 162 -19.00 -21.03 7.68
CA LEU B 162 -17.55 -21.13 7.61
C LEU B 162 -16.93 -19.81 8.00
N ILE B 163 -15.87 -19.82 8.81
CA ILE B 163 -15.17 -18.60 9.25
C ILE B 163 -13.79 -18.58 8.73
N VAL B 164 -13.42 -17.49 8.02
CA VAL B 164 -12.09 -17.32 7.45
C VAL B 164 -11.56 -15.98 7.98
N ALA B 165 -10.30 -15.94 8.44
CA ALA B 165 -9.77 -14.73 9.04
C ALA B 165 -8.32 -14.56 8.77
N ALA B 166 -7.83 -13.33 8.76
CA ALA B 166 -6.48 -13.01 8.51
C ALA B 166 -5.58 -13.49 9.63
N ALA B 167 -4.34 -13.96 9.25
CA ALA B 167 -3.39 -14.30 10.27
C ALA B 167 -2.89 -13.10 11.04
N GLY B 168 -2.82 -11.95 10.40
CA GLY B 168 -2.22 -10.74 10.95
C GLY B 168 -0.95 -10.35 10.19
N ASN B 169 -0.48 -9.15 10.48
CA ASN B 169 0.62 -8.57 9.76
C ASN B 169 1.79 -8.20 10.66
N SER B 170 1.98 -9.02 11.70
N SER B 170 2.07 -9.04 11.65
CA SER B 170 3.04 -8.71 12.63
CA SER B 170 3.02 -8.85 12.71
C SER B 170 4.17 -9.75 12.56
C SER B 170 4.24 -9.76 12.58
N GLY B 171 4.37 -10.39 11.42
CA GLY B 171 5.46 -11.32 11.25
C GLY B 171 6.79 -10.70 11.09
N TYR B 172 7.87 -11.49 11.03
CA TYR B 172 7.83 -12.92 10.81
C TYR B 172 8.23 -13.76 12.01
N SER B 173 8.38 -13.13 13.17
N SER B 173 8.33 -13.15 13.20
CA SER B 173 8.70 -13.90 14.36
CA SER B 173 8.67 -13.97 14.35
C SER B 173 7.68 -15.00 14.62
C SER B 173 7.57 -14.96 14.74
N GLN B 174 8.05 -16.13 15.18
CA GLN B 174 7.20 -17.16 15.68
C GLN B 174 6.16 -16.62 16.66
N GLY B 175 4.94 -17.09 16.58
CA GLY B 175 3.93 -16.82 17.57
C GLY B 175 3.31 -15.44 17.49
N THR B 176 3.28 -14.86 16.32
CA THR B 176 2.69 -13.56 16.06
C THR B 176 1.27 -13.62 15.52
N ILE B 177 0.70 -14.78 15.17
CA ILE B 177 -0.62 -14.96 14.71
C ILE B 177 -1.57 -14.35 15.72
N GLY B 178 -2.57 -13.63 15.16
CA GLY B 178 -3.58 -13.01 15.97
C GLY B 178 -4.92 -13.69 15.89
N TYR B 179 -5.89 -13.08 16.59
CA TYR B 179 -7.23 -13.53 16.74
C TYR B 179 -8.20 -12.60 16.01
N PRO B 180 -9.25 -13.09 15.43
CA PRO B 180 -9.78 -14.44 15.56
C PRO B 180 -9.14 -15.51 14.70
N GLY B 181 -8.15 -15.21 13.82
CA GLY B 181 -7.52 -16.21 13.02
C GLY B 181 -7.00 -17.43 13.80
N ALA B 182 -6.38 -17.18 14.95
CA ALA B 182 -5.81 -18.24 15.77
C ALA B 182 -6.83 -19.13 16.44
N LEU B 183 -8.10 -18.85 16.38
CA LEU B 183 -9.07 -19.72 17.00
C LEU B 183 -9.15 -21.05 16.25
N PRO B 184 -9.35 -22.18 16.96
CA PRO B 184 -9.52 -23.45 16.30
C PRO B 184 -10.63 -23.44 15.24
N ASN B 185 -11.72 -22.71 15.43
CA ASN B 185 -12.85 -22.74 14.50
C ASN B 185 -12.80 -21.68 13.43
N ALA B 186 -11.66 -20.95 13.31
CA ALA B 186 -11.47 -20.01 12.22
C ALA B 186 -10.33 -20.46 11.34
N ILE B 187 -10.43 -20.30 10.02
CA ILE B 187 -9.36 -20.58 9.11
C ILE B 187 -8.43 -19.38 9.00
N ALA B 188 -7.23 -19.50 9.56
CA ALA B 188 -6.25 -18.44 9.51
C ALA B 188 -5.50 -18.44 8.20
N VAL B 189 -5.44 -17.25 7.58
CA VAL B 189 -4.86 -17.11 6.24
C VAL B 189 -3.60 -16.29 6.28
N ALA B 190 -2.52 -16.90 5.77
CA ALA B 190 -1.24 -16.29 5.58
C ALA B 190 -1.15 -15.67 4.20
N ALA B 191 -0.29 -14.63 4.10
CA ALA B 191 -0.04 -13.93 2.83
C ALA B 191 1.12 -14.39 2.06
N LEU B 192 0.92 -14.69 0.78
CA LEU B 192 2.00 -14.94 -0.17
C LEU B 192 2.28 -13.67 -0.97
N GLU B 193 3.47 -13.60 -1.50
N GLU B 193 3.58 -13.51 -1.23
CA GLU B 193 3.87 -12.61 -2.50
CA GLU B 193 4.04 -12.43 -2.11
C GLU B 193 4.24 -13.34 -3.77
C GLU B 193 4.32 -13.04 -3.48
N ASN B 194 4.23 -12.61 -4.89
N ASN B 194 4.48 -12.24 -4.54
CA ASN B 194 4.47 -13.19 -6.20
CA ASN B 194 4.67 -12.77 -5.89
C ASN B 194 5.95 -13.35 -6.49
C ASN B 194 6.17 -12.91 -6.11
N VAL B 195 6.60 -14.15 -5.68
N VAL B 195 6.81 -13.75 -5.33
CA VAL B 195 8.02 -14.41 -5.64
CA VAL B 195 8.24 -14.06 -5.36
C VAL B 195 8.12 -15.90 -5.42
C VAL B 195 8.40 -15.54 -5.14
N GLN B 196 9.10 -16.52 -6.08
N GLN B 196 9.35 -16.14 -5.85
CA GLN B 196 9.46 -17.93 -5.90
CA GLN B 196 9.57 -17.55 -5.64
C GLN B 196 10.72 -18.08 -5.06
C GLN B 196 10.77 -17.77 -4.70
N GLN B 197 10.63 -18.95 -4.07
N GLN B 197 10.61 -18.74 -3.83
CA GLN B 197 11.76 -19.24 -3.19
CA GLN B 197 11.78 -19.23 -3.10
C GLN B 197 11.60 -20.71 -2.82
C GLN B 197 11.58 -20.72 -2.85
N ASN B 198 12.67 -21.49 -2.93
CA ASN B 198 12.62 -22.90 -2.67
C ASN B 198 11.59 -23.60 -3.56
N GLY B 199 11.40 -23.06 -4.76
CA GLY B 199 10.54 -23.67 -5.74
C GLY B 199 9.09 -23.39 -5.60
N THR B 200 8.66 -22.54 -4.67
CA THR B 200 7.29 -22.27 -4.41
C THR B 200 7.05 -20.80 -4.26
N TYR B 201 5.81 -20.38 -4.18
CA TYR B 201 5.52 -19.02 -3.73
C TYR B 201 6.12 -18.79 -2.32
N ARG B 202 6.45 -17.54 -2.05
CA ARG B 202 7.03 -17.13 -0.80
C ARG B 202 6.06 -16.47 0.14
N VAL B 203 6.05 -16.88 1.41
CA VAL B 203 5.26 -16.14 2.39
C VAL B 203 5.89 -14.76 2.59
N ALA B 204 5.04 -13.73 2.61
CA ALA B 204 5.52 -12.37 2.84
C ALA B 204 6.07 -12.23 4.25
N ASP B 205 7.12 -11.41 4.39
CA ASP B 205 7.70 -11.17 5.69
C ASP B 205 6.74 -10.65 6.75
N TYR B 206 5.80 -9.83 6.38
CA TYR B 206 4.90 -9.28 7.33
C TYR B 206 3.88 -10.27 7.87
N SER B 207 3.65 -11.38 7.17
CA SER B 207 2.54 -12.29 7.55
C SER B 207 2.80 -12.88 8.91
N SER B 208 1.83 -12.84 9.78
CA SER B 208 2.02 -13.33 11.13
C SER B 208 2.23 -14.86 11.12
N ARG B 209 3.13 -15.34 11.98
CA ARG B 209 3.50 -16.75 12.07
C ARG B 209 2.82 -17.44 13.25
N GLY B 210 2.51 -18.72 13.08
CA GLY B 210 2.07 -19.58 14.13
C GLY B 210 3.19 -20.08 15.01
N TYR B 211 2.95 -21.27 15.58
CA TYR B 211 3.81 -21.87 16.58
C TYR B 211 4.41 -23.17 16.14
N ILE B 212 5.70 -23.40 16.49
CA ILE B 212 6.36 -24.65 16.12
C ILE B 212 5.67 -25.85 16.71
N SER B 213 5.26 -25.81 17.99
CA SER B 213 4.86 -27.04 18.64
CA SER B 213 4.79 -26.98 18.70
C SER B 213 3.67 -27.73 18.00
N THR B 214 2.72 -26.97 17.47
CA THR B 214 1.52 -27.54 16.92
C THR B 214 1.52 -27.54 15.40
N ALA B 215 2.56 -27.04 14.72
CA ALA B 215 2.63 -27.13 13.29
C ALA B 215 3.22 -28.49 12.90
N GLY B 216 2.75 -29.07 11.83
CA GLY B 216 3.35 -30.23 11.22
C GLY B 216 2.45 -31.41 11.03
N ASP B 217 1.34 -31.42 11.76
CA ASP B 217 0.39 -32.55 11.80
C ASP B 217 -0.76 -32.43 10.82
N TYR B 218 -0.89 -31.31 10.11
CA TYR B 218 -2.07 -31.16 9.24
C TYR B 218 -3.36 -31.32 10.02
N VAL B 219 -3.43 -30.84 11.25
CA VAL B 219 -4.63 -30.78 12.07
C VAL B 219 -4.59 -29.43 12.77
N ILE B 220 -5.65 -28.64 12.70
CA ILE B 220 -5.63 -27.28 13.26
C ILE B 220 -5.95 -27.26 14.73
N GLN B 221 -4.94 -26.75 15.50
CA GLN B 221 -5.10 -26.34 16.89
C GLN B 221 -5.08 -24.80 16.96
N GLU B 222 -5.39 -24.30 18.16
CA GLU B 222 -5.26 -22.89 18.42
C GLU B 222 -3.86 -22.42 18.08
N GLY B 223 -3.74 -21.30 17.35
CA GLY B 223 -2.48 -20.72 17.00
C GLY B 223 -1.89 -21.21 15.67
N ASP B 224 -2.55 -22.11 14.96
CA ASP B 224 -2.04 -22.63 13.71
C ASP B 224 -2.54 -21.81 12.50
N ILE B 225 -1.57 -21.55 11.61
CA ILE B 225 -1.91 -21.03 10.27
C ILE B 225 -2.50 -22.18 9.49
N GLU B 226 -3.38 -21.93 8.57
CA GLU B 226 -4.12 -22.96 7.87
C GLU B 226 -3.88 -22.91 6.36
N ILE B 227 -4.20 -21.80 5.71
CA ILE B 227 -4.10 -21.70 4.26
C ILE B 227 -3.32 -20.44 3.90
N SER B 228 -2.48 -20.54 2.88
CA SER B 228 -1.80 -19.37 2.32
C SER B 228 -2.50 -18.93 1.03
N ALA B 229 -2.47 -17.62 0.77
CA ALA B 229 -3.05 -17.09 -0.46
C ALA B 229 -2.38 -15.79 -0.78
N PRO B 230 -2.49 -15.30 -2.03
CA PRO B 230 -1.90 -14.02 -2.41
C PRO B 230 -2.34 -12.88 -1.52
N GLY B 231 -1.36 -12.13 -0.96
CA GLY B 231 -1.68 -10.97 -0.17
C GLY B 231 -0.86 -9.74 -0.49
N SER B 232 0.30 -9.87 -1.15
CA SER B 232 1.09 -8.72 -1.48
C SER B 232 0.77 -8.17 -2.87
N SER B 233 0.64 -6.83 -2.85
N SER B 233 0.72 -6.87 -3.02
CA SER B 233 0.44 -5.96 -4.00
CA SER B 233 0.52 -6.24 -4.35
C SER B 233 -0.74 -6.45 -4.82
C SER B 233 -0.81 -6.64 -5.00
N VAL B 234 -1.87 -6.46 -4.17
CA VAL B 234 -3.17 -6.90 -4.66
C VAL B 234 -4.00 -5.70 -5.12
N TYR B 235 -4.33 -5.68 -6.42
CA TYR B 235 -5.19 -4.67 -7.04
C TYR B 235 -6.62 -5.06 -6.82
N SER B 236 -7.40 -4.13 -6.31
CA SER B 236 -8.81 -4.35 -6.11
C SER B 236 -9.57 -3.04 -6.08
N THR B 237 -10.89 -3.17 -5.92
CA THR B 237 -11.82 -2.05 -5.87
C THR B 237 -11.55 -1.12 -4.67
N TRP B 238 -11.85 0.17 -4.87
CA TRP B 238 -11.67 1.18 -3.81
C TRP B 238 -12.93 1.96 -3.61
N TYR B 239 -13.00 2.68 -2.45
CA TYR B 239 -14.25 3.13 -1.91
C TYR B 239 -14.85 4.27 -2.67
N ASN B 240 -14.17 4.86 -3.63
N ASN B 240 -14.02 5.09 -3.31
CA ASN B 240 -14.44 5.93 -4.54
CA ASN B 240 -14.59 6.30 -3.91
C ASN B 240 -14.85 5.55 -5.96
C ASN B 240 -14.49 6.12 -5.41
N GLY B 241 -14.99 4.26 -6.23
N GLY B 241 -14.55 4.85 -5.85
CA GLY B 241 -15.32 3.81 -7.58
CA GLY B 241 -14.77 4.56 -7.24
C GLY B 241 -14.13 3.54 -8.48
C GLY B 241 -13.59 3.99 -7.95
N GLY B 242 -12.89 3.76 -8.06
N GLY B 242 -12.38 4.18 -7.41
CA GLY B 242 -11.76 3.23 -8.81
CA GLY B 242 -11.39 3.64 -8.36
C GLY B 242 -11.15 2.06 -8.08
C GLY B 242 -11.11 2.18 -7.97
N TYR B 243 -9.81 1.99 -8.05
CA TYR B 243 -9.09 0.82 -7.65
C TYR B 243 -7.84 1.22 -6.86
N ASN B 244 -7.22 0.30 -6.21
CA ASN B 244 -6.02 0.55 -5.44
C ASN B 244 -5.26 -0.73 -5.30
N THR B 245 -3.95 -0.66 -5.08
CA THR B 245 -3.05 -1.82 -4.86
C THR B 245 -2.50 -1.70 -3.46
N ILE B 246 -2.80 -2.66 -2.60
CA ILE B 246 -2.30 -2.71 -1.23
C ILE B 246 -1.93 -4.14 -0.91
N SER B 247 -1.21 -4.27 0.23
CA SER B 247 -0.67 -5.54 0.66
C SER B 247 -1.11 -5.90 2.07
N GLY B 248 -1.31 -7.18 2.35
CA GLY B 248 -1.56 -7.61 3.68
C GLY B 248 -2.23 -8.98 3.74
N THR B 249 -2.27 -9.51 4.96
CA THR B 249 -3.12 -10.68 5.17
C THR B 249 -4.58 -10.30 5.01
N SER B 250 -4.96 -9.06 5.08
CA SER B 250 -6.27 -8.61 4.77
C SER B 250 -6.67 -8.92 3.33
N MET B 251 -5.70 -8.90 2.42
CA MET B 251 -5.89 -9.15 1.00
C MET B 251 -5.87 -10.64 0.72
N ALA B 252 -5.14 -11.41 1.50
CA ALA B 252 -5.03 -12.86 1.31
C ALA B 252 -6.33 -13.53 1.70
N THR B 253 -6.95 -13.03 2.82
CA THR B 253 -8.14 -13.60 3.39
C THR B 253 -9.30 -13.71 2.36
N PRO B 254 -9.64 -12.70 1.62
CA PRO B 254 -10.76 -12.84 0.64
C PRO B 254 -10.42 -13.74 -0.53
N HIS B 255 -9.14 -13.97 -0.84
CA HIS B 255 -8.85 -14.99 -1.84
C HIS B 255 -9.36 -16.36 -1.35
N VAL B 256 -9.13 -16.65 -0.07
CA VAL B 256 -9.59 -17.92 0.52
C VAL B 256 -11.09 -17.94 0.71
N SER B 257 -11.68 -16.88 1.22
CA SER B 257 -13.13 -16.93 1.36
CA SER B 257 -13.12 -16.87 1.33
C SER B 257 -13.78 -17.04 -0.02
N GLY B 258 -13.27 -16.35 -1.03
CA GLY B 258 -13.79 -16.51 -2.37
C GLY B 258 -13.61 -17.93 -2.91
N LEU B 259 -12.39 -18.50 -2.72
CA LEU B 259 -12.21 -19.89 -3.17
C LEU B 259 -13.18 -20.82 -2.46
N ALA B 260 -13.36 -20.63 -1.15
CA ALA B 260 -14.32 -21.46 -0.42
C ALA B 260 -15.71 -21.32 -0.99
N ALA B 261 -16.09 -20.10 -1.38
CA ALA B 261 -17.43 -19.92 -1.96
C ALA B 261 -17.54 -20.65 -3.29
N LYS B 262 -16.46 -20.59 -4.10
N LYS B 262 -16.47 -20.62 -4.11
CA LYS B 262 -16.48 -21.26 -5.39
CA LYS B 262 -16.43 -21.36 -5.36
C LYS B 262 -16.61 -22.77 -5.18
C LYS B 262 -16.74 -22.83 -5.12
N ILE B 263 -15.88 -23.34 -4.22
CA ILE B 263 -15.96 -24.76 -3.96
C ILE B 263 -17.30 -25.12 -3.42
N TRP B 264 -17.84 -24.32 -2.47
CA TRP B 264 -19.11 -24.64 -1.86
C TRP B 264 -20.25 -24.61 -2.87
N ALA B 265 -20.21 -23.66 -3.80
CA ALA B 265 -21.25 -23.56 -4.82
C ALA B 265 -21.33 -24.73 -5.77
C ALA B 265 -21.15 -24.81 -5.69
N GLU B 266 -20.20 -25.38 -6.02
N GLU B 266 -19.95 -25.38 -5.87
CA GLU B 266 -20.10 -26.59 -6.80
CA GLU B 266 -19.82 -26.59 -6.68
C GLU B 266 -20.42 -27.84 -6.00
C GLU B 266 -20.52 -27.75 -6.00
N ASN B 267 -20.55 -27.76 -4.69
CA ASN B 267 -21.09 -28.85 -3.90
C ASN B 267 -21.70 -28.30 -2.63
N PRO B 268 -22.90 -27.76 -2.72
CA PRO B 268 -23.48 -27.13 -1.59
C PRO B 268 -24.06 -28.07 -0.56
N SER B 269 -23.89 -29.40 -0.76
CA SER B 269 -24.26 -30.34 0.26
C SER B 269 -23.22 -30.37 1.36
N LEU B 270 -22.03 -29.86 1.09
CA LEU B 270 -20.98 -29.96 2.12
C LEU B 270 -21.41 -29.25 3.40
N SER B 271 -21.15 -29.87 4.54
CA SER B 271 -21.18 -29.13 5.78
C SER B 271 -20.01 -28.13 5.83
N ASN B 272 -20.08 -27.16 6.73
CA ASN B 272 -18.91 -26.31 6.91
C ASN B 272 -17.67 -27.11 7.26
N THR B 273 -17.91 -28.09 8.15
N THR B 273 -17.65 -28.22 8.00
CA THR B 273 -16.71 -28.85 8.56
CA THR B 273 -16.48 -29.04 8.28
C THR B 273 -16.19 -29.72 7.45
C THR B 273 -15.87 -29.72 7.06
N GLN B 274 -17.08 -30.31 6.63
N GLN B 274 -16.77 -30.27 6.23
CA GLN B 274 -16.56 -31.06 5.48
CA GLN B 274 -16.35 -30.92 4.99
C GLN B 274 -15.95 -30.14 4.43
C GLN B 274 -15.73 -29.93 4.00
N LEU B 275 -16.58 -28.99 4.19
N LEU B 275 -16.33 -28.73 3.90
CA LEU B 275 -15.98 -28.00 3.31
CA LEU B 275 -15.71 -27.71 3.07
C LEU B 275 -14.60 -27.57 3.80
C LEU B 275 -14.33 -27.35 3.58
N ARG B 276 -14.48 -27.36 5.12
N ARG B 276 -14.19 -27.20 4.89
CA ARG B 276 -13.21 -26.98 5.69
CA ARG B 276 -12.89 -26.88 5.48
C ARG B 276 -12.19 -28.08 5.46
C ARG B 276 -11.88 -27.97 5.15
N SER B 277 -12.52 -29.34 5.66
N SER B 277 -12.27 -29.23 5.20
CA SER B 277 -11.60 -30.45 5.44
CA SER B 277 -11.34 -30.33 4.95
C SER B 277 -11.19 -30.50 3.98
C SER B 277 -10.88 -30.28 3.50
N ASN B 278 -12.13 -30.29 3.07
N ASN B 278 -11.82 -29.96 2.61
CA ASN B 278 -11.80 -30.30 1.65
CA ASN B 278 -11.50 -29.92 1.18
C ASN B 278 -10.87 -29.17 1.25
C ASN B 278 -10.49 -28.82 0.89
N LEU B 279 -11.09 -28.01 1.87
N LEU B 279 -10.75 -27.67 1.52
CA LEU B 279 -10.21 -26.88 1.61
CA LEU B 279 -9.81 -26.57 1.44
C LEU B 279 -8.81 -27.14 2.18
C LEU B 279 -8.43 -26.98 1.96
N GLN B 280 -8.73 -27.81 3.32
N GLN B 280 -8.35 -27.64 3.09
CA GLN B 280 -7.45 -28.24 3.89
CA GLN B 280 -7.15 -28.16 3.70
C GLN B 280 -6.75 -29.24 3.01
C GLN B 280 -6.42 -29.14 2.77
N GLU B 281 -7.50 -30.21 2.48
N GLU B 281 -7.16 -30.00 2.11
CA GLU B 281 -6.98 -31.20 1.55
CA GLU B 281 -6.62 -31.05 1.25
C GLU B 281 -6.40 -30.53 0.32
C GLU B 281 -6.07 -30.35 0.03
N ARG B 282 -7.15 -29.57 -0.20
N ARG B 282 -6.79 -29.37 -0.49
CA ARG B 282 -6.73 -28.79 -1.36
CA ARG B 282 -6.31 -28.57 -1.62
C ARG B 282 -5.44 -28.03 -1.07
C ARG B 282 -4.99 -27.91 -1.23
N ALA B 283 -5.36 -27.37 0.10
N ALA B 283 -4.96 -27.27 -0.06
CA ALA B 283 -4.16 -26.65 0.47
CA ALA B 283 -3.77 -26.59 0.41
C ALA B 283 -2.94 -27.56 0.56
C ALA B 283 -2.60 -27.59 0.57
N LYS B 284 -3.00 -28.74 1.14
CA LYS B 284 -1.88 -29.66 1.35
C LYS B 284 -1.23 -30.07 0.04
N SER B 285 -2.03 -30.08 -1.02
N SER B 285 -1.96 -30.11 -1.07
CA SER B 285 -1.60 -30.42 -2.38
CA SER B 285 -1.30 -30.53 -2.30
C SER B 285 -0.62 -29.40 -3.00
C SER B 285 -0.33 -29.49 -2.88
N VAL B 286 -0.37 -28.25 -2.40
CA VAL B 286 0.56 -27.25 -2.84
C VAL B 286 1.34 -26.76 -1.62
N ASP B 287 2.45 -27.48 -1.37
N ASP B 287 2.39 -27.53 -1.33
CA ASP B 287 3.22 -27.23 -0.18
CA ASP B 287 3.31 -27.21 -0.25
C ASP B 287 4.06 -25.98 -0.39
C ASP B 287 4.30 -26.08 -0.17
C ASP B 287 3.89 -25.83 -0.56
N ILE B 288 3.89 -24.97 0.44
CA ILE B 288 4.67 -23.75 0.39
C ILE B 288 5.92 -23.88 1.25
C ILE B 288 6.00 -23.97 1.17
N LYS B 289 7.03 -23.50 0.67
N LYS B 289 7.13 -23.63 0.58
CA LYS B 289 8.37 -23.71 1.23
CA LYS B 289 8.44 -23.83 1.19
C LYS B 289 9.29 -22.50 1.23
C LYS B 289 9.17 -22.50 1.30
N GLY B 290 8.70 -21.36 0.83
CA GLY B 290 9.46 -20.12 0.80
C GLY B 290 8.99 -19.18 1.88
N GLY B 291 9.96 -18.45 2.42
CA GLY B 291 9.70 -17.46 3.45
C GLY B 291 10.15 -17.95 4.80
N TYR B 292 10.38 -17.05 5.76
CA TYR B 292 10.94 -17.43 7.04
C TYR B 292 10.01 -18.39 7.77
N GLY B 293 10.56 -19.52 8.22
CA GLY B 293 9.79 -20.53 8.93
C GLY B 293 9.15 -21.54 8.01
N ALA B 294 9.07 -21.25 6.70
CA ALA B 294 8.45 -22.20 5.79
C ALA B 294 9.27 -23.43 5.62
N ALA B 295 8.62 -24.56 5.41
CA ALA B 295 9.34 -25.87 5.42
C ALA B 295 8.60 -26.83 4.57
N ILE B 296 9.20 -27.97 4.29
CA ILE B 296 8.50 -29.11 3.73
C ILE B 296 7.33 -29.44 4.68
N GLY B 297 6.17 -29.65 4.17
CA GLY B 297 5.02 -30.06 4.93
C GLY B 297 4.30 -28.90 5.57
N ASP B 298 3.44 -29.19 6.53
CA ASP B 298 2.64 -28.24 7.24
C ASP B 298 3.58 -27.41 8.14
N ASP B 299 3.54 -26.08 8.00
CA ASP B 299 4.50 -25.28 8.76
C ASP B 299 3.89 -24.03 9.32
N TYR B 300 4.55 -23.34 10.24
CA TYR B 300 3.97 -22.23 10.94
C TYR B 300 4.01 -20.92 10.17
N ALA B 301 4.59 -20.90 9.00
CA ALA B 301 4.57 -19.70 8.13
C ALA B 301 3.44 -19.76 7.16
N SER B 302 3.17 -20.88 6.56
CA SER B 302 2.23 -21.04 5.46
C SER B 302 1.08 -21.99 5.73
N GLY B 303 1.12 -22.66 6.89
CA GLY B 303 0.08 -23.65 7.19
C GLY B 303 0.19 -24.84 6.26
N PHE B 304 -0.92 -25.37 5.88
CA PHE B 304 -1.01 -26.57 5.11
C PHE B 304 -0.48 -26.37 3.68
N GLY B 305 -0.58 -25.18 3.15
CA GLY B 305 -0.14 -24.85 1.81
C GLY B 305 -1.09 -23.88 1.15
N PHE B 306 -1.03 -23.86 -0.17
CA PHE B 306 -1.70 -22.88 -1.02
C PHE B 306 -2.86 -23.58 -1.74
N ALA B 307 -4.12 -23.33 -1.28
CA ALA B 307 -5.27 -23.92 -1.96
C ALA B 307 -5.54 -23.19 -3.29
C ALA B 307 -5.51 -23.20 -3.28
N ARG B 308 -5.50 -24.00 -4.38
N ARG B 308 -5.91 -23.92 -4.32
CA ARG B 308 -5.73 -23.49 -5.72
CA ARG B 308 -6.06 -23.37 -5.64
C ARG B 308 -6.86 -24.22 -6.43
C ARG B 308 -7.20 -24.15 -6.28
N VAL B 309 -7.51 -23.62 -7.45
CA VAL B 309 -8.65 -24.18 -8.19
C VAL B 309 -8.26 -25.48 -8.85
N GLN B 310 -7.04 -25.56 -9.39
CA GLN B 310 -6.56 -26.75 -10.11
C GLN B 310 -5.05 -26.79 -10.06
CA CA C . -8.59 19.30 -6.10
CA CA D . -3.51 18.07 -17.46
CA CA E . 20.83 0.06 -3.95
CA CA E . 20.58 0.02 -3.24
CA CA F . 30.05 22.85 -12.78
CA CA G . 5.74 17.60 -14.54
CA CA H . 5.24 -26.07 3.83
CA CA I . -1.53 -28.38 14.07
CA CA J . -27.90 -15.05 -0.92
CA CA J . -27.62 -14.95 -1.64
CA CA K . -20.42 -0.34 19.25
CA CA L . -7.59 -20.81 13.29
#